data_9DL1
#
_entry.id   9DL1
#
_cell.length_a   49.421
_cell.length_b   95.614
_cell.length_c   259.703
_cell.angle_alpha   90.00
_cell.angle_beta   90.00
_cell.angle_gamma   90.00
#
_symmetry.space_group_name_H-M   'P 21 21 21'
#
loop_
_entity.id
_entity.type
_entity.pdbx_description
1 polymer TRACeR-I
2 polymer 'MHC class I antigen, A-2 alpha chain'
3 polymer Beta-2-microglobulin
4 polymer 'Cancer/testis antigen 1'
5 non-polymer 'SULFATE ION'
6 water water
#
loop_
_entity_poly.entity_id
_entity_poly.type
_entity_poly.pdbx_seq_one_letter_code
_entity_poly.pdbx_strand_id
1 'polypeptide(L)'
;MDKEIAKEIFNMMFMLLWRVFRSQRIDANNVELIKFNIRVLDWIMAEADNDLCYFIGTHDKCENPKEQWVANYQNLNNVV
FTNKELEDIYDLSNKEETKEVLKKFKEKVNQFYRHAFDIINKYGLEHHHHHH
;
A,D
2 'polypeptide(L)'
;MGSHSMRYFFTSVSRPGRGEPRFIAVGYVDDTQFVRFDSDAASQRMEPRAPWIEQEGPEYWDGETRKVKAHSQTHRVDLG
TLRGYYNQSEAGSHTVQRMYGCDVGSDWRFLRGYHQYAYDGKDYIALKEDLRSWTAADMAAQTTKHKWEAAHVAEQLRAY
LEGTCVEWLRRYLENGKETLQRTDAPKTHMTHHAVSDHEATLRCWALSFYPAEITLTWQRDGEDQTQDTELVETRPAGDG
TFQKWAAVVVPSGQEQRYTCHVQHEGLPKPLTLRWE
;
B,F
3 'polypeptide(L)'
;MIQRTPKIQVYSRHPAENGKSNFLNCYVSGFHPSDIEVDLLKNGERIEKVEHSDLSFSKDWSFYLLYYTEFTPTEKDEYA
CRVNHVTLSQPKIVKWDRDM
;
C,G
4 'polypeptide(L)' SLLMWITQV E,H
#
# COMPACT_ATOMS: atom_id res chain seq x y z
N ASP A 2 9.88 -15.49 5.04
CA ASP A 2 10.22 -14.43 4.05
C ASP A 2 10.46 -13.06 4.68
N LYS A 3 11.59 -12.47 4.30
CA LYS A 3 11.99 -11.15 4.78
C LYS A 3 10.95 -10.08 4.50
N GLU A 4 10.40 -10.05 3.27
CA GLU A 4 9.49 -8.98 2.87
C GLU A 4 8.14 -9.09 3.56
N ILE A 5 7.68 -10.31 3.81
CA ILE A 5 6.41 -10.50 4.52
C ILE A 5 6.50 -9.93 5.93
N ALA A 6 7.59 -10.25 6.64
CA ALA A 6 7.78 -9.73 7.99
C ALA A 6 7.83 -8.21 7.99
N LYS A 7 8.56 -7.62 7.05
CA LYS A 7 8.66 -6.16 6.95
C LYS A 7 7.28 -5.52 6.73
N GLU A 8 6.44 -6.13 5.90
CA GLU A 8 5.11 -5.58 5.67
C GLU A 8 4.25 -5.70 6.92
N ILE A 9 4.37 -6.81 7.64
CA ILE A 9 3.61 -6.98 8.86
C ILE A 9 4.04 -5.98 9.92
N PHE A 10 5.35 -5.80 10.09
CA PHE A 10 5.85 -4.75 10.99
C PHE A 10 5.29 -3.40 10.60
N ASN A 11 5.32 -3.08 9.31
CA ASN A 11 4.92 -1.76 8.84
C ASN A 11 3.44 -1.54 9.09
N MET A 12 2.64 -2.59 8.95
CA MET A 12 1.21 -2.44 9.20
C MET A 12 0.92 -2.21 10.69
N MET A 13 1.73 -2.81 11.58
CA MET A 13 1.54 -2.61 13.01
C MET A 13 1.67 -1.13 13.36
N PHE A 14 2.72 -0.48 12.88
CA PHE A 14 2.95 0.90 13.27
C PHE A 14 2.02 1.85 12.54
N MET A 15 1.67 1.53 11.30
CA MET A 15 0.65 2.28 10.58
C MET A 15 -0.65 2.35 11.39
N LEU A 16 -1.09 1.21 11.92
CA LEU A 16 -2.29 1.20 12.76
C LEU A 16 -2.06 1.86 14.11
N LEU A 17 -0.84 1.80 14.65
CA LEU A 17 -0.60 2.43 15.94
C LEU A 17 -0.83 3.93 15.86
N TRP A 18 -0.37 4.56 14.77
CA TRP A 18 -0.66 5.97 14.56
C TRP A 18 -2.16 6.23 14.57
N ARG A 19 -2.92 5.40 13.85
CA ARG A 19 -4.35 5.61 13.76
C ARG A 19 -5.02 5.46 15.11
N VAL A 20 -4.46 4.65 16.00
CA VAL A 20 -4.97 4.58 17.36
C VAL A 20 -4.50 5.78 18.18
N PHE A 21 -3.21 6.15 18.08
CA PHE A 21 -2.64 7.24 18.87
C PHE A 21 -3.31 8.57 18.56
N ARG A 22 -3.52 8.86 17.28
CA ARG A 22 -3.75 10.23 16.84
C ARG A 22 -5.04 10.83 17.38
N SER A 23 -6.03 10.01 17.72
CA SER A 23 -7.32 10.52 18.19
C SER A 23 -7.55 10.34 19.68
N GLN A 24 -6.61 9.72 20.40
CA GLN A 24 -6.79 9.41 21.81
C GLN A 24 -6.36 10.60 22.67
N ARG A 25 -7.32 11.38 23.16
CA ARG A 25 -7.05 12.36 24.20
C ARG A 25 -6.79 11.64 25.52
N ILE A 26 -5.71 12.01 26.20
CA ILE A 26 -5.30 11.31 27.42
C ILE A 26 -5.65 12.19 28.62
N ASP A 27 -6.64 11.75 29.39
CA ASP A 27 -7.01 12.35 30.68
C ASP A 27 -8.08 11.45 31.29
N ALA A 28 -8.54 11.85 32.48
CA ALA A 28 -9.51 11.05 33.23
C ALA A 28 -10.84 10.93 32.53
N ASN A 29 -11.22 11.90 31.68
CA ASN A 29 -12.48 11.73 30.96
C ASN A 29 -12.40 10.66 29.88
N ASN A 30 -11.20 10.20 29.53
CA ASN A 30 -11.05 9.24 28.44
C ASN A 30 -10.55 7.88 28.91
N VAL A 31 -10.78 7.54 30.18
CA VAL A 31 -10.22 6.29 30.72
C VAL A 31 -10.76 5.07 29.97
N GLU A 32 -12.05 5.11 29.61
CA GLU A 32 -12.61 3.99 28.85
C GLU A 32 -12.12 3.96 27.41
N LEU A 33 -11.89 5.12 26.80
CA LEU A 33 -11.26 5.12 25.48
C LEU A 33 -9.86 4.51 25.53
N ILE A 34 -9.09 4.83 26.57
CA ILE A 34 -7.74 4.27 26.67
C ILE A 34 -7.79 2.76 26.88
N LYS A 35 -8.74 2.26 27.68
CA LYS A 35 -8.84 0.83 27.91
C LYS A 35 -9.23 0.08 26.63
N PHE A 36 -10.18 0.63 25.88
CA PHE A 36 -10.50 0.10 24.56
C PHE A 36 -9.26 0.04 23.68
N ASN A 37 -8.47 1.11 23.67
CA ASN A 37 -7.31 1.16 22.78
C ASN A 37 -6.24 0.17 23.19
N ILE A 38 -6.13 -0.14 24.49
CA ILE A 38 -5.19 -1.16 24.91
C ILE A 38 -5.59 -2.51 24.32
N ARG A 39 -6.89 -2.81 24.33
CA ARG A 39 -7.40 -4.02 23.67
C ARG A 39 -7.14 -4.01 22.16
N VAL A 40 -7.32 -2.85 21.50
CA VAL A 40 -7.04 -2.74 20.07
C VAL A 40 -5.58 -3.02 19.80
N LEU A 41 -4.69 -2.60 20.72
CA LEU A 41 -3.28 -2.88 20.57
C LEU A 41 -3.00 -4.38 20.71
N ASP A 42 -3.63 -5.05 21.67
CA ASP A 42 -3.62 -6.51 21.71
C ASP A 42 -4.09 -7.10 20.38
N TRP A 43 -5.19 -6.56 19.83
CA TRP A 43 -5.75 -7.08 18.60
C TRP A 43 -4.77 -6.96 17.43
N ILE A 44 -4.13 -5.80 17.29
CA ILE A 44 -3.16 -5.59 16.21
C ILE A 44 -2.03 -6.61 16.32
N MET A 45 -1.56 -6.86 17.54
CA MET A 45 -0.46 -7.81 17.78
C MET A 45 -0.91 -9.24 17.48
N ALA A 46 -2.14 -9.60 17.87
CA ALA A 46 -2.59 -10.97 17.63
C ALA A 46 -2.76 -11.22 16.13
N GLU A 47 -3.26 -10.21 15.42
CA GLU A 47 -3.50 -10.37 13.98
C GLU A 47 -2.20 -10.41 13.20
N ALA A 48 -1.20 -9.65 13.63
CA ALA A 48 0.13 -9.75 13.03
C ALA A 48 0.69 -11.15 13.21
N ASP A 49 0.43 -11.76 14.37
CA ASP A 49 0.88 -13.12 14.62
C ASP A 49 0.18 -14.11 13.72
N ASN A 50 -1.13 -13.91 13.51
CA ASN A 50 -1.87 -14.77 12.59
C ASN A 50 -1.35 -14.64 11.16
N ASP A 51 -0.98 -13.43 10.74
CA ASP A 51 -0.41 -13.26 9.40
C ASP A 51 0.91 -14.01 9.26
N LEU A 52 1.77 -13.94 10.27
CA LEU A 52 3.04 -14.67 10.22
C LEU A 52 2.82 -16.16 10.09
N CYS A 53 1.87 -16.68 10.85
CA CYS A 53 1.59 -18.10 10.82
C CYS A 53 1.06 -18.51 9.46
N TYR A 54 0.25 -17.67 8.83
CA TYR A 54 -0.35 -18.08 7.57
C TYR A 54 0.57 -17.86 6.38
N PHE A 55 1.36 -16.79 6.40
CA PHE A 55 2.10 -16.38 5.20
C PHE A 55 3.57 -16.80 5.21
N ILE A 56 4.18 -17.05 6.36
CA ILE A 56 5.64 -17.25 6.42
C ILE A 56 5.99 -18.72 6.21
N GLY A 57 6.94 -18.96 5.29
CA GLY A 57 7.43 -20.28 4.94
C GLY A 57 8.04 -21.07 6.08
N THR A 58 9.29 -20.75 6.44
CA THR A 58 9.97 -21.41 7.56
C THR A 58 9.61 -20.65 8.84
N HIS A 59 8.57 -21.14 9.53
CA HIS A 59 8.11 -20.56 10.78
C HIS A 59 8.04 -21.64 11.85
N ASP A 60 7.88 -21.18 13.09
CA ASP A 60 7.74 -22.11 14.20
C ASP A 60 6.30 -22.63 14.29
N LYS A 61 6.07 -23.50 15.26
CA LYS A 61 4.76 -24.10 15.46
C LYS A 61 3.78 -23.04 15.90
N CYS A 62 2.68 -22.92 15.18
CA CYS A 62 1.61 -21.98 15.47
C CYS A 62 0.32 -22.56 14.92
N GLU A 63 -0.82 -22.11 15.47
CA GLU A 63 -2.13 -22.51 14.99
C GLU A 63 -2.43 -21.76 13.71
N ASN A 64 -2.47 -22.49 12.58
CA ASN A 64 -2.84 -21.91 11.30
C ASN A 64 -4.26 -21.37 11.34
N PRO A 65 -4.48 -20.08 11.03
CA PRO A 65 -5.82 -19.49 11.13
C PRO A 65 -6.77 -19.80 9.97
N LYS A 66 -6.33 -20.54 8.95
CA LYS A 66 -7.14 -20.70 7.73
C LYS A 66 -8.55 -21.18 8.04
N GLU A 67 -8.67 -22.17 8.93
CA GLU A 67 -9.99 -22.76 9.17
C GLU A 67 -10.89 -21.87 10.01
N GLN A 68 -10.32 -21.08 10.93
CA GLN A 68 -11.17 -20.09 11.59
C GLN A 68 -11.59 -18.98 10.63
N TRP A 69 -10.73 -18.63 9.67
CA TRP A 69 -11.10 -17.63 8.67
C TRP A 69 -12.26 -18.12 7.82
N VAL A 70 -12.19 -19.39 7.37
CA VAL A 70 -13.30 -19.98 6.62
C VAL A 70 -14.58 -19.97 7.45
N ALA A 71 -14.51 -20.46 8.70
CA ALA A 71 -15.72 -20.53 9.52
C ALA A 71 -16.27 -19.15 9.85
N ASN A 72 -15.39 -18.20 10.18
CA ASN A 72 -15.86 -16.87 10.56
C ASN A 72 -16.49 -16.15 9.37
N TYR A 73 -15.87 -16.26 8.19
CA TYR A 73 -16.48 -15.71 6.98
C TYR A 73 -17.87 -16.27 6.78
N GLN A 74 -17.99 -17.59 6.86
CA GLN A 74 -19.26 -18.25 6.61
C GLN A 74 -20.32 -17.79 7.59
N ASN A 75 -19.98 -17.72 8.89
CA ASN A 75 -20.96 -17.33 9.89
C ASN A 75 -21.38 -15.88 9.72
N LEU A 76 -20.44 -15.00 9.38
CA LEU A 76 -20.78 -13.59 9.25
C LEU A 76 -21.69 -13.33 8.05
N ASN A 77 -21.51 -14.08 6.95
CA ASN A 77 -22.39 -13.95 5.79
C ASN A 77 -23.82 -14.29 6.17
N ASN A 78 -23.99 -15.27 7.05
CA ASN A 78 -25.31 -15.68 7.48
C ASN A 78 -25.87 -14.69 8.49
N VAL A 79 -25.03 -14.23 9.42
CA VAL A 79 -25.47 -13.24 10.41
C VAL A 79 -25.90 -11.95 9.72
N VAL A 80 -25.06 -11.42 8.82
CA VAL A 80 -25.31 -10.09 8.25
C VAL A 80 -26.26 -10.16 7.05
N PHE A 81 -26.08 -11.15 6.19
CA PHE A 81 -26.83 -11.10 4.90
C PHE A 81 -27.89 -12.17 4.68
N THR A 82 -27.58 -13.44 4.88
CA THR A 82 -28.56 -14.44 4.46
C THR A 82 -29.63 -14.72 5.51
N ASN A 83 -29.30 -14.55 6.80
CA ASN A 83 -30.22 -14.79 7.92
C ASN A 83 -30.47 -16.27 8.17
N LYS A 84 -29.71 -17.15 7.52
CA LYS A 84 -29.75 -18.57 7.86
C LYS A 84 -29.37 -18.76 9.32
N GLU A 85 -30.15 -19.57 10.03
CA GLU A 85 -29.97 -19.68 11.49
C GLU A 85 -28.66 -20.39 11.82
N LEU A 86 -28.03 -19.95 12.90
CA LEU A 86 -26.76 -20.53 13.32
C LEU A 86 -26.94 -21.66 14.33
N LYS A 95 -28.78 -16.08 25.12
CA LYS A 95 -29.98 -16.31 24.32
C LYS A 95 -30.53 -15.00 23.71
N GLU A 96 -31.46 -14.36 24.41
CA GLU A 96 -31.96 -13.07 23.95
C GLU A 96 -30.86 -12.03 23.91
N GLU A 97 -29.90 -12.09 24.84
CA GLU A 97 -28.78 -11.16 24.83
C GLU A 97 -27.92 -11.34 23.57
N THR A 98 -27.66 -12.59 23.18
CA THR A 98 -26.82 -12.85 22.02
C THR A 98 -27.49 -12.41 20.72
N LYS A 99 -28.76 -12.75 20.54
CA LYS A 99 -29.46 -12.32 19.34
C LYS A 99 -29.58 -10.80 19.25
N GLU A 100 -29.44 -10.10 20.38
CA GLU A 100 -29.55 -8.64 20.37
C GLU A 100 -28.25 -7.97 19.94
N VAL A 101 -27.11 -8.52 20.34
CA VAL A 101 -25.85 -7.98 19.84
C VAL A 101 -25.71 -8.31 18.35
N LEU A 102 -26.17 -9.48 17.94
CA LEU A 102 -26.11 -9.87 16.53
C LEU A 102 -26.94 -8.91 15.68
N LYS A 103 -28.13 -8.54 16.16
CA LYS A 103 -28.91 -7.56 15.45
C LYS A 103 -28.19 -6.22 15.39
N LYS A 104 -27.60 -5.78 16.51
CA LYS A 104 -26.84 -4.53 16.51
C LYS A 104 -25.62 -4.64 15.60
N PHE A 105 -24.98 -5.80 15.59
CA PHE A 105 -23.81 -5.98 14.74
C PHE A 105 -24.18 -5.85 13.26
N LYS A 106 -25.27 -6.52 12.85
CA LYS A 106 -25.67 -6.47 11.44
C LYS A 106 -26.02 -5.05 11.01
N GLU A 107 -26.79 -4.34 11.84
CA GLU A 107 -27.04 -2.91 11.60
C GLU A 107 -25.74 -2.13 11.45
N LYS A 108 -24.73 -2.44 12.27
CA LYS A 108 -23.46 -1.73 12.19
C LYS A 108 -22.74 -2.04 10.88
N VAL A 109 -22.79 -3.29 10.43
CA VAL A 109 -22.11 -3.64 9.19
C VAL A 109 -22.81 -2.98 8.01
N ASN A 110 -24.15 -2.98 8.01
CA ASN A 110 -24.89 -2.28 6.97
C ASN A 110 -24.51 -0.80 6.95
N GLN A 111 -24.47 -0.17 8.14
CA GLN A 111 -24.06 1.23 8.23
C GLN A 111 -22.63 1.44 7.72
N PHE A 112 -21.72 0.52 8.07
CA PHE A 112 -20.36 0.55 7.54
C PHE A 112 -20.34 0.60 6.00
N TYR A 113 -21.07 -0.32 5.36
CA TYR A 113 -21.17 -0.31 3.89
C TYR A 113 -21.65 1.04 3.37
N ARG A 114 -22.73 1.56 3.95
CA ARG A 114 -23.29 2.82 3.46
C ARG A 114 -22.32 3.97 3.71
N HIS A 115 -21.58 3.90 4.82
CA HIS A 115 -20.54 4.89 5.09
C HIS A 115 -19.46 4.85 4.03
N ALA A 116 -19.01 3.65 3.66
CA ALA A 116 -17.94 3.52 2.70
C ALA A 116 -18.39 3.92 1.28
N PHE A 117 -19.54 3.42 0.83
CA PHE A 117 -19.94 3.72 -0.53
C PHE A 117 -20.41 5.15 -0.69
N ASP A 118 -20.84 5.80 0.41
CA ASP A 118 -21.08 7.24 0.36
C ASP A 118 -19.80 8.02 0.10
N ILE A 119 -18.67 7.55 0.62
CA ILE A 119 -17.42 8.22 0.28
C ILE A 119 -17.12 8.09 -1.20
N ILE A 120 -17.28 6.89 -1.76
CA ILE A 120 -17.08 6.73 -3.21
C ILE A 120 -18.05 7.64 -3.96
N ASN A 121 -19.32 7.63 -3.56
CA ASN A 121 -20.32 8.48 -4.23
C ASN A 121 -19.96 9.95 -4.14
N LYS A 122 -19.47 10.41 -2.99
CA LYS A 122 -19.26 11.84 -2.79
C LYS A 122 -18.00 12.32 -3.50
N TYR A 123 -16.91 11.54 -3.43
CA TYR A 123 -15.60 12.01 -3.86
C TYR A 123 -14.89 11.10 -4.85
N GLY A 124 -15.33 9.84 -5.03
CA GLY A 124 -14.58 8.88 -5.81
C GLY A 124 -15.03 8.74 -7.24
N LEU A 125 -16.23 9.23 -7.54
CA LEU A 125 -16.75 9.25 -8.89
C LEU A 125 -16.61 10.65 -9.48
N GLU A 126 -16.31 10.71 -10.78
CA GLU A 126 -16.20 11.98 -11.49
C GLU A 126 -17.41 12.24 -12.40
N HIS A 127 -18.54 11.59 -12.13
CA HIS A 127 -19.74 11.71 -12.98
C HIS A 127 -21.04 11.56 -12.18
N GLY B 2 -23.34 -36.72 -9.23
CA GLY B 2 -21.94 -36.50 -9.57
C GLY B 2 -21.38 -35.21 -8.98
N SER B 3 -20.42 -34.60 -9.68
CA SER B 3 -19.83 -33.35 -9.23
C SER B 3 -20.77 -32.18 -9.51
N HIS B 4 -20.63 -31.11 -8.73
CA HIS B 4 -21.47 -29.93 -8.92
C HIS B 4 -20.64 -28.67 -8.81
N SER B 5 -21.20 -27.58 -9.30
CA SER B 5 -20.54 -26.29 -9.19
C SER B 5 -21.58 -25.20 -9.01
N MET B 6 -21.17 -24.11 -8.37
CA MET B 6 -21.94 -22.87 -8.35
C MET B 6 -21.03 -21.77 -8.89
N ARG B 7 -21.58 -20.98 -9.80
CA ARG B 7 -20.78 -19.95 -10.48
C ARG B 7 -21.54 -18.64 -10.64
N TYR B 8 -20.84 -17.55 -10.40
CA TYR B 8 -21.43 -16.22 -10.62
C TYR B 8 -20.66 -15.55 -11.73
N PHE B 9 -21.40 -14.92 -12.65
CA PHE B 9 -20.83 -14.24 -13.82
C PHE B 9 -21.24 -12.78 -13.78
N PHE B 10 -20.26 -11.87 -13.86
CA PHE B 10 -20.52 -10.44 -13.78
C PHE B 10 -20.01 -9.75 -15.04
N THR B 11 -20.85 -8.91 -15.64
CA THR B 11 -20.46 -8.12 -16.79
C THR B 11 -20.70 -6.64 -16.50
N SER B 12 -19.70 -5.83 -16.83
CA SER B 12 -19.66 -4.40 -16.50
C SER B 12 -19.21 -3.64 -17.74
N VAL B 13 -20.09 -2.81 -18.31
CA VAL B 13 -19.83 -2.15 -19.60
C VAL B 13 -19.97 -0.65 -19.41
N SER B 14 -18.93 0.09 -19.74
CA SER B 14 -19.08 1.55 -19.68
C SER B 14 -19.77 2.03 -20.96
N ARG B 15 -20.52 3.11 -20.81
CA ARG B 15 -21.37 3.65 -21.87
C ARG B 15 -21.08 5.15 -21.96
N PRO B 16 -19.93 5.53 -22.50
CA PRO B 16 -19.53 6.94 -22.46
C PRO B 16 -20.49 7.84 -23.20
N GLY B 17 -21.04 8.81 -22.48
CA GLY B 17 -22.01 9.70 -23.05
C GLY B 17 -23.42 9.19 -23.05
N ARG B 18 -23.69 8.04 -22.44
CA ARG B 18 -25.05 7.49 -22.34
C ARG B 18 -25.37 7.03 -20.92
N GLY B 19 -24.71 7.61 -19.92
CA GLY B 19 -25.07 7.40 -18.52
C GLY B 19 -24.23 6.38 -17.79
N GLU B 20 -24.84 5.84 -16.73
CA GLU B 20 -24.21 4.87 -15.86
C GLU B 20 -23.71 3.64 -16.62
N PRO B 21 -22.59 3.06 -16.18
CA PRO B 21 -22.16 1.78 -16.75
C PRO B 21 -23.22 0.71 -16.57
N ARG B 22 -23.32 -0.16 -17.56
CA ARG B 22 -24.18 -1.34 -17.45
C ARG B 22 -23.53 -2.35 -16.52
N PHE B 23 -24.34 -2.94 -15.64
CA PHE B 23 -23.90 -4.02 -14.75
C PHE B 23 -24.90 -5.17 -14.79
N ILE B 24 -24.40 -6.40 -15.00
CA ILE B 24 -25.25 -7.58 -15.05
C ILE B 24 -24.58 -8.69 -14.27
N ALA B 25 -25.33 -9.32 -13.37
CA ALA B 25 -24.85 -10.45 -12.58
C ALA B 25 -25.80 -11.62 -12.79
N VAL B 26 -25.25 -12.81 -13.06
CA VAL B 26 -26.04 -14.03 -13.04
C VAL B 26 -25.35 -15.12 -12.22
N GLY B 27 -26.17 -15.94 -11.55
CA GLY B 27 -25.67 -17.10 -10.82
C GLY B 27 -26.21 -18.40 -11.38
N TYR B 28 -25.37 -19.43 -11.33
CA TYR B 28 -25.72 -20.76 -11.82
C TYR B 28 -25.42 -21.81 -10.76
N VAL B 29 -26.26 -22.84 -10.69
CA VAL B 29 -25.86 -24.14 -10.16
C VAL B 29 -25.86 -25.10 -11.33
N ASP B 30 -24.72 -25.75 -11.57
CA ASP B 30 -24.50 -26.58 -12.77
C ASP B 30 -24.90 -25.72 -13.98
N ASP B 31 -25.73 -26.23 -14.90
CA ASP B 31 -26.14 -25.50 -16.08
C ASP B 31 -27.53 -24.85 -15.93
N THR B 32 -27.91 -24.51 -14.69
CA THR B 32 -29.20 -23.89 -14.37
C THR B 32 -28.94 -22.53 -13.73
N GLN B 33 -29.37 -21.45 -14.38
CA GLN B 33 -29.33 -20.13 -13.76
C GLN B 33 -30.38 -20.03 -12.65
N PHE B 34 -29.99 -19.46 -11.49
CA PHE B 34 -30.94 -19.29 -10.40
C PHE B 34 -31.12 -17.85 -9.93
N VAL B 35 -30.24 -16.91 -10.29
CA VAL B 35 -30.46 -15.50 -10.00
C VAL B 35 -29.97 -14.61 -11.13
N ARG B 36 -30.47 -13.37 -11.11
CA ARG B 36 -30.03 -12.33 -12.02
C ARG B 36 -30.10 -10.99 -11.32
N PHE B 37 -29.20 -10.11 -11.72
CA PHE B 37 -29.33 -8.68 -11.47
C PHE B 37 -28.96 -7.93 -12.73
N ASP B 38 -29.79 -6.98 -13.13
CA ASP B 38 -29.55 -6.13 -14.29
C ASP B 38 -29.72 -4.69 -13.86
N SER B 39 -28.66 -3.91 -13.96
CA SER B 39 -28.72 -2.52 -13.53
C SER B 39 -29.77 -1.71 -14.29
N ASP B 40 -30.18 -2.17 -15.49
CA ASP B 40 -31.16 -1.47 -16.30
C ASP B 40 -32.60 -1.90 -16.02
N ALA B 41 -32.82 -2.98 -15.28
CA ALA B 41 -34.16 -3.41 -14.93
C ALA B 41 -34.78 -2.48 -13.89
N ALA B 42 -36.09 -2.67 -13.66
CA ALA B 42 -36.83 -1.82 -12.74
C ALA B 42 -36.55 -2.16 -11.28
N SER B 43 -36.50 -3.45 -10.92
CA SER B 43 -36.52 -3.85 -9.51
C SER B 43 -35.33 -3.30 -8.72
N GLN B 44 -34.16 -3.13 -9.36
CA GLN B 44 -32.91 -2.80 -8.68
C GLN B 44 -32.59 -3.84 -7.61
N ARG B 45 -33.01 -5.09 -7.81
CA ARG B 45 -32.83 -6.13 -6.81
C ARG B 45 -32.27 -7.40 -7.47
N MET B 46 -31.68 -8.24 -6.63
CA MET B 46 -31.40 -9.61 -7.02
C MET B 46 -32.72 -10.31 -7.31
N GLU B 47 -32.80 -11.00 -8.45
CA GLU B 47 -34.08 -11.61 -8.80
C GLU B 47 -33.97 -13.13 -8.95
N PRO B 48 -35.04 -13.87 -8.65
CA PRO B 48 -35.03 -15.32 -8.84
C PRO B 48 -35.19 -15.76 -10.30
N ARG B 49 -34.44 -16.79 -10.68
CA ARG B 49 -34.56 -17.34 -12.02
C ARG B 49 -34.70 -18.87 -12.03
N ALA B 50 -34.75 -19.52 -10.86
CA ALA B 50 -35.14 -20.92 -10.73
C ALA B 50 -36.16 -21.04 -9.61
N PRO B 51 -37.19 -21.88 -9.78
CA PRO B 51 -38.31 -21.83 -8.82
C PRO B 51 -37.94 -22.29 -7.42
N TRP B 52 -36.87 -23.06 -7.25
CA TRP B 52 -36.50 -23.51 -5.91
C TRP B 52 -35.78 -22.44 -5.10
N ILE B 53 -35.46 -21.29 -5.68
CA ILE B 53 -34.91 -20.19 -4.88
C ILE B 53 -35.98 -19.22 -4.40
N GLU B 54 -37.18 -19.27 -4.98
CA GLU B 54 -38.24 -18.36 -4.55
C GLU B 54 -38.65 -18.60 -3.11
N GLN B 55 -38.35 -19.77 -2.57
CA GLN B 55 -38.71 -20.09 -1.17
C GLN B 55 -37.88 -19.23 -0.20
N GLU B 56 -36.67 -18.82 -0.58
CA GLU B 56 -35.82 -18.04 0.34
C GLU B 56 -36.54 -16.77 0.76
N GLY B 57 -36.41 -16.43 2.05
CA GLY B 57 -37.21 -15.39 2.63
C GLY B 57 -36.75 -13.99 2.21
N PRO B 58 -37.49 -12.98 2.68
CA PRO B 58 -37.15 -11.60 2.31
C PRO B 58 -35.80 -11.15 2.81
N GLU B 59 -35.32 -11.72 3.92
CA GLU B 59 -34.02 -11.36 4.47
C GLU B 59 -32.90 -11.77 3.52
N TYR B 60 -32.94 -13.02 3.04
CA TYR B 60 -31.98 -13.48 2.04
C TYR B 60 -31.93 -12.53 0.85
N TRP B 61 -33.09 -12.15 0.33
CA TRP B 61 -33.12 -11.33 -0.87
C TRP B 61 -32.61 -9.93 -0.60
N ASP B 62 -32.95 -9.37 0.56
CA ASP B 62 -32.32 -8.14 1.02
C ASP B 62 -30.80 -8.28 1.08
N GLY B 63 -30.31 -9.42 1.56
CA GLY B 63 -28.87 -9.61 1.71
C GLY B 63 -28.13 -9.70 0.39
N GLU B 64 -28.66 -10.49 -0.56
CA GLU B 64 -28.01 -10.64 -1.86
C GLU B 64 -28.07 -9.34 -2.64
N THR B 65 -29.12 -8.55 -2.45
CA THR B 65 -29.21 -7.27 -3.14
C THR B 65 -28.16 -6.29 -2.62
N ARG B 66 -27.93 -6.28 -1.31
CA ARG B 66 -26.86 -5.43 -0.75
C ARG B 66 -25.51 -5.84 -1.30
N LYS B 67 -25.24 -7.14 -1.36
CA LYS B 67 -23.92 -7.59 -1.79
C LYS B 67 -23.72 -7.37 -3.29
N VAL B 68 -24.76 -7.58 -4.09
CA VAL B 68 -24.61 -7.33 -5.53
C VAL B 68 -24.45 -5.83 -5.79
N LYS B 69 -25.10 -4.98 -4.99
CA LYS B 69 -24.95 -3.55 -5.17
C LYS B 69 -23.53 -3.11 -4.84
N ALA B 70 -22.93 -3.74 -3.83
CA ALA B 70 -21.53 -3.49 -3.52
C ALA B 70 -20.63 -3.96 -4.66
N HIS B 71 -21.01 -5.06 -5.35
CA HIS B 71 -20.29 -5.50 -6.54
C HIS B 71 -20.42 -4.47 -7.65
N SER B 72 -21.65 -4.06 -7.95
CA SER B 72 -21.91 -3.07 -8.99
C SER B 72 -21.09 -1.79 -8.76
N GLN B 73 -21.05 -1.29 -7.52
CA GLN B 73 -20.45 0.03 -7.30
C GLN B 73 -18.93 -0.03 -7.37
N THR B 74 -18.32 -1.10 -6.87
CA THR B 74 -16.87 -1.25 -6.99
C THR B 74 -16.46 -1.52 -8.45
N HIS B 75 -17.27 -2.29 -9.19
CA HIS B 75 -16.98 -2.47 -10.62
C HIS B 75 -17.02 -1.14 -11.35
N ARG B 76 -17.88 -0.21 -10.93
CA ARG B 76 -17.96 1.13 -11.57
C ARG B 76 -16.66 1.89 -11.31
N VAL B 77 -16.16 1.84 -10.09
CA VAL B 77 -14.87 2.45 -9.81
C VAL B 77 -13.78 1.79 -10.64
N ASP B 78 -13.85 0.47 -10.77
CA ASP B 78 -12.84 -0.29 -11.52
C ASP B 78 -12.70 0.23 -12.94
N LEU B 79 -13.82 0.56 -13.59
CA LEU B 79 -13.77 1.01 -14.99
C LEU B 79 -12.92 2.28 -15.11
N GLY B 80 -13.07 3.22 -14.19
CA GLY B 80 -12.20 4.40 -14.21
C GLY B 80 -10.75 4.07 -13.91
N THR B 81 -10.51 3.29 -12.85
CA THR B 81 -9.16 2.89 -12.49
C THR B 81 -8.43 2.27 -13.68
N LEU B 82 -9.10 1.34 -14.38
CA LEU B 82 -8.47 0.63 -15.49
C LEU B 82 -8.22 1.57 -16.65
N ARG B 83 -9.17 2.46 -16.93
CA ARG B 83 -8.96 3.51 -17.91
C ARG B 83 -7.67 4.27 -17.63
N GLY B 84 -7.41 4.55 -16.35
CA GLY B 84 -6.20 5.26 -15.97
C GLY B 84 -4.96 4.41 -16.09
N TYR B 85 -5.07 3.11 -15.76
CA TYR B 85 -3.90 2.23 -15.88
C TYR B 85 -3.42 2.17 -17.34
N TYR B 86 -4.34 2.11 -18.29
CA TYR B 86 -4.00 1.95 -19.70
C TYR B 86 -3.99 3.26 -20.46
N ASN B 87 -4.09 4.40 -19.78
CA ASN B 87 -4.11 5.74 -20.41
C ASN B 87 -5.10 5.81 -21.57
N GLN B 88 -6.33 5.42 -21.31
CA GLN B 88 -7.36 5.40 -22.35
C GLN B 88 -8.29 6.61 -22.18
N SER B 89 -8.73 7.16 -23.31
CA SER B 89 -9.66 8.27 -23.29
C SER B 89 -11.00 7.86 -22.67
N GLU B 90 -11.76 8.87 -22.27
CA GLU B 90 -13.11 8.69 -21.75
C GLU B 90 -14.12 8.27 -22.82
N ALA B 91 -13.80 8.43 -24.10
CA ALA B 91 -14.83 8.28 -25.12
C ALA B 91 -15.14 6.83 -25.45
N GLY B 92 -14.21 5.91 -25.19
CA GLY B 92 -14.40 4.51 -25.55
C GLY B 92 -15.10 3.70 -24.46
N SER B 93 -15.88 2.72 -24.91
CA SER B 93 -16.55 1.78 -24.03
C SER B 93 -15.65 0.59 -23.76
N HIS B 94 -15.57 0.20 -22.50
CA HIS B 94 -14.75 -0.94 -22.11
C HIS B 94 -15.60 -1.88 -21.26
N THR B 95 -15.12 -3.12 -21.16
CA THR B 95 -15.84 -4.21 -20.53
C THR B 95 -14.97 -4.86 -19.46
N VAL B 96 -15.52 -5.01 -18.27
CA VAL B 96 -14.90 -5.78 -17.20
C VAL B 96 -15.76 -7.00 -16.96
N GLN B 97 -15.12 -8.17 -16.84
CA GLN B 97 -15.84 -9.41 -16.61
C GLN B 97 -15.24 -10.13 -15.42
N ARG B 98 -16.10 -10.71 -14.59
CA ARG B 98 -15.65 -11.43 -13.41
C ARG B 98 -16.41 -12.73 -13.31
N MET B 99 -15.70 -13.80 -13.00
CA MET B 99 -16.28 -15.11 -12.80
C MET B 99 -15.67 -15.72 -11.55
N TYR B 100 -16.51 -16.15 -10.62
CA TYR B 100 -16.00 -16.90 -9.47
C TYR B 100 -17.00 -17.98 -9.05
N GLY B 101 -16.50 -18.97 -8.31
CA GLY B 101 -17.36 -20.06 -7.85
C GLY B 101 -16.54 -21.23 -7.34
N CYS B 102 -17.25 -22.32 -7.02
CA CYS B 102 -16.62 -23.49 -6.41
C CYS B 102 -17.12 -24.77 -7.07
N ASP B 103 -16.30 -25.82 -7.02
CA ASP B 103 -16.69 -27.17 -7.40
C ASP B 103 -16.72 -28.07 -6.17
N VAL B 104 -17.70 -28.98 -6.13
CA VAL B 104 -17.75 -30.04 -5.13
C VAL B 104 -17.86 -31.38 -5.83
N GLY B 105 -17.24 -32.39 -5.24
CA GLY B 105 -17.27 -33.74 -5.76
C GLY B 105 -18.60 -34.42 -5.49
N SER B 106 -18.67 -35.70 -5.88
CA SER B 106 -19.89 -36.47 -5.69
C SER B 106 -20.30 -36.60 -4.22
N ASP B 107 -19.36 -36.42 -3.29
CA ASP B 107 -19.62 -36.44 -1.87
C ASP B 107 -19.88 -35.05 -1.31
N TRP B 108 -20.02 -34.05 -2.18
CA TRP B 108 -20.37 -32.67 -1.88
C TRP B 108 -19.25 -31.90 -1.19
N ARG B 109 -18.04 -32.47 -1.17
CA ARG B 109 -16.89 -31.83 -0.54
C ARG B 109 -16.15 -30.93 -1.51
N PHE B 110 -15.55 -29.85 -0.97
CA PHE B 110 -14.79 -28.90 -1.79
C PHE B 110 -13.75 -29.60 -2.66
N LEU B 111 -13.70 -29.20 -3.93
CA LEU B 111 -12.70 -29.68 -4.88
C LEU B 111 -11.77 -28.55 -5.32
N ARG B 112 -12.33 -27.43 -5.77
CA ARG B 112 -11.55 -26.32 -6.26
C ARG B 112 -12.43 -25.06 -6.27
N GLY B 113 -11.78 -23.91 -6.14
CA GLY B 113 -12.45 -22.65 -6.28
C GLY B 113 -11.75 -21.80 -7.31
N TYR B 114 -12.45 -20.82 -7.82
CA TYR B 114 -11.89 -20.01 -8.92
C TYR B 114 -12.38 -18.56 -8.78
N HIS B 115 -11.56 -17.63 -9.25
CA HIS B 115 -11.95 -16.23 -9.27
C HIS B 115 -11.16 -15.56 -10.38
N GLN B 116 -11.86 -15.09 -11.41
CA GLN B 116 -11.22 -14.62 -12.62
C GLN B 116 -11.78 -13.27 -13.03
N TYR B 117 -10.89 -12.41 -13.52
CA TYR B 117 -11.21 -11.03 -13.83
C TYR B 117 -10.62 -10.72 -15.21
N ALA B 118 -11.47 -10.27 -16.12
CA ALA B 118 -11.05 -9.91 -17.47
C ALA B 118 -11.25 -8.42 -17.71
N TYR B 119 -10.44 -7.86 -18.60
CA TYR B 119 -10.63 -6.50 -19.07
C TYR B 119 -10.63 -6.52 -20.60
N ASP B 120 -11.70 -6.01 -21.20
CA ASP B 120 -11.86 -5.97 -22.66
C ASP B 120 -11.67 -7.36 -23.28
N GLY B 121 -12.22 -8.37 -22.61
CA GLY B 121 -12.34 -9.70 -23.19
C GLY B 121 -11.13 -10.59 -23.03
N LYS B 122 -10.16 -10.21 -22.20
CA LYS B 122 -8.96 -11.01 -22.04
C LYS B 122 -8.50 -10.97 -20.59
N ASP B 123 -7.84 -12.04 -20.17
CA ASP B 123 -7.40 -12.22 -18.79
C ASP B 123 -6.69 -10.99 -18.26
N TYR B 124 -7.11 -10.55 -17.08
CA TYR B 124 -6.41 -9.50 -16.38
C TYR B 124 -5.70 -10.02 -15.15
N ILE B 125 -6.43 -10.62 -14.21
CA ILE B 125 -5.86 -11.19 -13.00
C ILE B 125 -6.73 -12.37 -12.62
N ALA B 126 -6.09 -13.43 -12.12
CA ALA B 126 -6.83 -14.63 -11.73
C ALA B 126 -6.21 -15.26 -10.49
N LEU B 127 -7.05 -15.80 -9.62
CA LEU B 127 -6.58 -16.55 -8.47
C LEU B 127 -6.15 -17.95 -8.91
N LYS B 128 -4.96 -18.37 -8.48
CA LYS B 128 -4.42 -19.68 -8.81
C LYS B 128 -5.11 -20.76 -7.99
N GLU B 129 -4.94 -22.02 -8.40
CA GLU B 129 -5.64 -23.12 -7.74
C GLU B 129 -5.24 -23.28 -6.27
N ASP B 130 -4.06 -22.79 -5.87
CA ASP B 130 -3.68 -22.84 -4.45
C ASP B 130 -4.49 -21.87 -3.59
N LEU B 131 -5.27 -20.99 -4.20
CA LEU B 131 -6.09 -20.01 -3.50
C LEU B 131 -5.23 -19.06 -2.66
N ARG B 132 -3.97 -18.94 -3.00
CA ARG B 132 -3.02 -18.06 -2.35
C ARG B 132 -2.45 -17.02 -3.29
N SER B 133 -2.16 -17.36 -4.55
CA SER B 133 -1.40 -16.50 -5.44
C SER B 133 -2.23 -16.07 -6.64
N TRP B 134 -1.67 -15.12 -7.39
CA TRP B 134 -2.33 -14.44 -8.49
C TRP B 134 -1.53 -14.59 -9.76
N THR B 135 -2.24 -14.70 -10.88
CA THR B 135 -1.67 -14.57 -12.22
C THR B 135 -2.00 -13.18 -12.74
N ALA B 136 -0.99 -12.36 -12.94
CA ALA B 136 -1.19 -10.99 -13.42
C ALA B 136 -0.71 -10.91 -14.85
N ALA B 137 -1.65 -10.61 -15.77
CA ALA B 137 -1.37 -10.71 -17.20
C ALA B 137 -0.30 -9.73 -17.67
N ASP B 138 -0.13 -8.59 -17.00
CA ASP B 138 0.71 -7.54 -17.52
C ASP B 138 1.11 -6.60 -16.39
N MET B 139 1.58 -5.40 -16.75
CA MET B 139 2.05 -4.45 -15.77
C MET B 139 0.90 -3.74 -15.05
N ALA B 140 -0.23 -3.52 -15.70
CA ALA B 140 -1.39 -2.99 -15.00
C ALA B 140 -1.90 -3.99 -13.96
N ALA B 141 -2.11 -5.25 -14.38
CA ALA B 141 -2.52 -6.31 -13.46
C ALA B 141 -1.56 -6.44 -12.29
N GLN B 142 -0.27 -6.17 -12.52
CA GLN B 142 0.72 -6.25 -11.45
C GLN B 142 0.45 -5.20 -10.39
N THR B 143 0.03 -4.00 -10.79
CA THR B 143 -0.39 -3.01 -9.81
C THR B 143 -1.60 -3.50 -9.02
N THR B 144 -2.58 -4.11 -9.69
CA THR B 144 -3.73 -4.66 -8.99
C THR B 144 -3.31 -5.80 -8.07
N LYS B 145 -2.41 -6.65 -8.54
CA LYS B 145 -1.89 -7.74 -7.71
C LYS B 145 -1.33 -7.21 -6.39
N HIS B 146 -0.55 -6.12 -6.43
CA HIS B 146 0.06 -5.61 -5.21
C HIS B 146 -1.00 -5.07 -4.25
N LYS B 147 -1.99 -4.37 -4.76
CA LYS B 147 -3.06 -3.85 -3.88
C LYS B 147 -3.84 -5.04 -3.29
N TRP B 148 -4.11 -6.03 -4.12
CA TRP B 148 -4.84 -7.22 -3.68
C TRP B 148 -4.03 -8.04 -2.68
N GLU B 149 -2.70 -8.05 -2.82
CA GLU B 149 -1.87 -8.67 -1.78
C GLU B 149 -1.95 -7.88 -0.49
N ALA B 150 -1.87 -6.55 -0.57
CA ALA B 150 -1.87 -5.74 0.64
C ALA B 150 -3.14 -5.93 1.43
N ALA B 151 -4.26 -6.07 0.74
CA ALA B 151 -5.58 -6.20 1.34
C ALA B 151 -5.98 -7.65 1.62
N HIS B 152 -5.14 -8.63 1.30
CA HIS B 152 -5.41 -10.05 1.57
C HIS B 152 -6.67 -10.54 0.84
N VAL B 153 -6.84 -10.08 -0.40
CA VAL B 153 -8.00 -10.48 -1.20
C VAL B 153 -8.05 -11.99 -1.35
N ALA B 154 -6.90 -12.62 -1.60
CA ALA B 154 -6.83 -14.08 -1.79
C ALA B 154 -7.35 -14.82 -0.56
N GLU B 155 -7.08 -14.30 0.64
CA GLU B 155 -7.54 -14.96 1.84
C GLU B 155 -9.05 -14.82 2.02
N GLN B 156 -9.61 -13.64 1.74
CA GLN B 156 -11.05 -13.47 1.69
C GLN B 156 -11.71 -14.47 0.75
N LEU B 157 -11.13 -14.64 -0.44
CA LEU B 157 -11.74 -15.52 -1.45
C LEU B 157 -11.65 -16.98 -1.02
N ARG B 158 -10.48 -17.40 -0.55
CA ARG B 158 -10.33 -18.76 -0.04
C ARG B 158 -11.35 -19.03 1.07
N ALA B 159 -11.56 -18.06 1.95
CA ALA B 159 -12.50 -18.25 3.05
C ALA B 159 -13.92 -18.42 2.53
N TYR B 160 -14.28 -17.62 1.52
CA TYR B 160 -15.59 -17.74 0.87
C TYR B 160 -15.71 -19.06 0.12
N LEU B 161 -14.72 -19.34 -0.74
CA LEU B 161 -14.79 -20.49 -1.64
C LEU B 161 -14.92 -21.80 -0.87
N GLU B 162 -14.22 -21.93 0.25
CA GLU B 162 -14.24 -23.17 1.01
C GLU B 162 -15.35 -23.22 2.03
N GLY B 163 -16.02 -22.10 2.29
CA GLY B 163 -17.06 -22.10 3.30
C GLY B 163 -18.39 -21.76 2.66
N THR B 164 -18.72 -20.47 2.66
CA THR B 164 -19.98 -19.96 2.11
C THR B 164 -20.33 -20.62 0.78
N CYS B 165 -19.39 -20.59 -0.17
CA CYS B 165 -19.67 -21.08 -1.51
C CYS B 165 -20.15 -22.51 -1.49
N VAL B 166 -19.46 -23.38 -0.73
CA VAL B 166 -19.80 -24.80 -0.67
C VAL B 166 -21.04 -25.02 0.21
N GLU B 167 -21.13 -24.29 1.32
CA GLU B 167 -22.33 -24.35 2.15
C GLU B 167 -23.58 -23.99 1.34
N TRP B 168 -23.55 -22.89 0.59
CA TRP B 168 -24.77 -22.48 -0.09
C TRP B 168 -25.01 -23.27 -1.40
N LEU B 169 -23.95 -23.76 -2.04
CA LEU B 169 -24.11 -24.70 -3.14
C LEU B 169 -24.87 -25.95 -2.69
N ARG B 170 -24.44 -26.52 -1.57
CA ARG B 170 -25.12 -27.69 -1.02
C ARG B 170 -26.58 -27.38 -0.80
N ARG B 171 -26.86 -26.28 -0.10
CA ARG B 171 -28.23 -25.92 0.23
C ARG B 171 -29.09 -25.80 -1.03
N TYR B 172 -28.59 -25.10 -2.07
CA TYR B 172 -29.35 -25.02 -3.31
C TYR B 172 -29.60 -26.41 -3.88
N LEU B 173 -28.60 -27.29 -3.81
CA LEU B 173 -28.74 -28.63 -4.37
C LEU B 173 -29.82 -29.44 -3.64
N GLU B 174 -29.97 -29.25 -2.33
CA GLU B 174 -31.05 -29.90 -1.59
C GLU B 174 -32.40 -29.28 -1.93
N ASN B 175 -32.50 -27.95 -1.85
CA ASN B 175 -33.78 -27.28 -2.10
C ASN B 175 -34.26 -27.49 -3.53
N GLY B 176 -33.35 -27.55 -4.49
CA GLY B 176 -33.68 -27.79 -5.88
C GLY B 176 -33.43 -29.23 -6.29
N LYS B 177 -33.52 -30.15 -5.33
CA LYS B 177 -33.19 -31.55 -5.59
C LYS B 177 -33.91 -32.14 -6.79
N GLU B 178 -35.21 -31.82 -6.95
CA GLU B 178 -36.01 -32.46 -7.97
C GLU B 178 -35.50 -32.18 -9.38
N THR B 179 -34.92 -31.00 -9.59
CA THR B 179 -34.46 -30.60 -10.91
C THR B 179 -32.95 -30.62 -11.04
N LEU B 180 -32.24 -30.04 -10.07
CA LEU B 180 -30.78 -29.98 -10.15
C LEU B 180 -30.13 -31.36 -10.09
N GLN B 181 -30.70 -32.30 -9.33
CA GLN B 181 -30.13 -33.63 -9.20
C GLN B 181 -30.79 -34.65 -10.15
N ARG B 182 -31.45 -34.13 -11.17
CA ARG B 182 -32.06 -35.00 -12.20
C ARG B 182 -31.15 -35.11 -13.42
N THR B 183 -31.25 -36.22 -14.13
CA THR B 183 -30.60 -36.39 -15.42
C THR B 183 -31.66 -36.70 -16.45
N ASP B 184 -31.75 -35.86 -17.49
CA ASP B 184 -32.61 -36.14 -18.64
C ASP B 184 -31.70 -36.72 -19.74
N ALA B 185 -31.82 -38.02 -19.97
CA ALA B 185 -31.11 -38.66 -21.05
C ALA B 185 -31.47 -38.00 -22.38
N PRO B 186 -30.56 -38.01 -23.35
CA PRO B 186 -30.90 -37.44 -24.67
C PRO B 186 -31.93 -38.28 -25.42
N LYS B 187 -32.87 -37.57 -26.03
CA LYS B 187 -33.77 -38.14 -27.01
C LYS B 187 -33.11 -38.00 -28.37
N THR B 188 -32.69 -39.13 -28.95
CA THR B 188 -31.88 -39.15 -30.15
C THR B 188 -32.66 -39.59 -31.39
N HIS B 189 -32.21 -39.12 -32.55
CA HIS B 189 -32.66 -39.62 -33.84
C HIS B 189 -31.60 -39.23 -34.88
N MET B 190 -31.97 -39.34 -36.15
CA MET B 190 -30.98 -39.15 -37.20
C MET B 190 -31.68 -38.70 -38.46
N THR B 191 -31.07 -37.75 -39.16
CA THR B 191 -31.59 -37.31 -40.45
C THR B 191 -30.57 -37.55 -41.54
N HIS B 192 -31.06 -37.44 -42.79
CA HIS B 192 -30.32 -37.78 -43.98
C HIS B 192 -30.74 -36.83 -45.10
N HIS B 193 -29.78 -36.20 -45.75
CA HIS B 193 -30.05 -35.38 -46.94
C HIS B 193 -28.95 -35.57 -47.97
N ALA B 194 -29.34 -35.66 -49.23
CA ALA B 194 -28.37 -35.59 -50.32
C ALA B 194 -27.68 -34.24 -50.28
N VAL B 195 -26.36 -34.25 -50.36
CA VAL B 195 -25.58 -33.02 -50.37
C VAL B 195 -24.86 -32.78 -51.70
N SER B 196 -24.89 -33.75 -52.62
CA SER B 196 -24.21 -33.64 -53.91
C SER B 196 -24.68 -34.76 -54.83
N ASP B 197 -24.02 -34.86 -55.99
CA ASP B 197 -24.28 -35.94 -56.95
C ASP B 197 -24.13 -37.31 -56.31
N HIS B 198 -23.10 -37.46 -55.46
CA HIS B 198 -22.65 -38.76 -55.00
C HIS B 198 -22.49 -38.82 -53.49
N GLU B 199 -22.97 -37.81 -52.75
CA GLU B 199 -22.76 -37.70 -51.31
C GLU B 199 -24.04 -37.32 -50.59
N ALA B 200 -24.13 -37.73 -49.33
CA ALA B 200 -25.24 -37.37 -48.47
C ALA B 200 -24.73 -37.06 -47.06
N THR B 201 -25.52 -36.29 -46.32
CA THR B 201 -25.18 -35.92 -44.96
C THR B 201 -26.02 -36.73 -43.98
N LEU B 202 -25.36 -37.33 -43.01
CA LEU B 202 -26.01 -37.90 -41.84
C LEU B 202 -25.84 -36.91 -40.68
N ARG B 203 -26.94 -36.57 -40.04
CA ARG B 203 -26.92 -35.67 -38.90
C ARG B 203 -27.45 -36.43 -37.70
N CYS B 204 -26.62 -36.57 -36.68
CA CYS B 204 -26.99 -37.25 -35.45
C CYS B 204 -27.45 -36.23 -34.42
N TRP B 205 -28.69 -36.38 -33.97
CA TRP B 205 -29.36 -35.44 -33.08
C TRP B 205 -29.43 -35.95 -31.65
N ALA B 206 -29.29 -35.03 -30.70
CA ALA B 206 -29.54 -35.32 -29.29
C ALA B 206 -30.31 -34.14 -28.71
N LEU B 207 -31.52 -34.38 -28.24
CA LEU B 207 -32.40 -33.32 -27.77
C LEU B 207 -32.80 -33.57 -26.33
N SER B 208 -33.22 -32.50 -25.65
CA SER B 208 -33.90 -32.59 -24.35
C SER B 208 -33.02 -33.16 -23.23
N PHE B 209 -31.75 -32.78 -23.22
CA PHE B 209 -30.84 -33.40 -22.24
C PHE B 209 -30.37 -32.47 -21.12
N TYR B 210 -30.21 -33.02 -19.92
CA TYR B 210 -29.65 -32.29 -18.76
C TYR B 210 -28.89 -33.33 -17.96
N PRO B 211 -27.63 -33.10 -17.54
CA PRO B 211 -26.93 -31.84 -17.84
C PRO B 211 -26.46 -31.60 -19.30
N ALA B 212 -25.80 -30.46 -19.52
CA ALA B 212 -25.39 -30.05 -20.88
C ALA B 212 -24.23 -30.91 -21.41
N GLU B 213 -23.37 -31.39 -20.52
CA GLU B 213 -22.21 -32.15 -20.96
C GLU B 213 -22.66 -33.38 -21.72
N ILE B 214 -22.06 -33.61 -22.89
CA ILE B 214 -22.47 -34.69 -23.78
C ILE B 214 -21.36 -34.90 -24.79
N THR B 215 -21.22 -36.15 -25.24
CA THR B 215 -20.28 -36.48 -26.29
C THR B 215 -21.02 -37.14 -27.44
N LEU B 216 -20.82 -36.58 -28.64
CA LEU B 216 -21.37 -37.16 -29.89
C LEU B 216 -20.17 -37.38 -30.83
N THR B 217 -19.91 -38.63 -31.24
CA THR B 217 -18.81 -38.97 -32.13
C THR B 217 -19.31 -39.81 -33.29
N TRP B 218 -18.76 -39.56 -34.47
CA TRP B 218 -19.07 -40.40 -35.61
C TRP B 218 -17.95 -41.40 -35.81
N GLN B 219 -18.34 -42.64 -36.12
CA GLN B 219 -17.42 -43.72 -36.42
C GLN B 219 -17.72 -44.24 -37.83
N ARG B 220 -16.69 -44.44 -38.64
CA ARG B 220 -16.83 -45.18 -39.90
C ARG B 220 -16.06 -46.50 -39.75
N ASP B 221 -16.78 -47.62 -39.79
CA ASP B 221 -16.20 -48.94 -39.58
C ASP B 221 -15.46 -49.01 -38.25
N GLY B 222 -16.11 -48.53 -37.19
CA GLY B 222 -15.55 -48.63 -35.85
C GLY B 222 -14.38 -47.72 -35.55
N GLU B 223 -13.99 -46.82 -36.45
CA GLU B 223 -12.93 -45.87 -36.20
C GLU B 223 -13.49 -44.44 -36.26
N ASP B 224 -13.10 -43.63 -35.27
CA ASP B 224 -13.65 -42.29 -35.14
C ASP B 224 -13.06 -41.36 -36.20
N GLN B 225 -13.89 -40.48 -36.75
CA GLN B 225 -13.43 -39.53 -37.74
C GLN B 225 -13.76 -38.10 -37.34
N THR B 226 -12.78 -37.22 -37.49
CA THR B 226 -13.00 -35.79 -37.47
C THR B 226 -13.33 -35.23 -38.85
N GLN B 227 -12.90 -35.93 -39.90
CA GLN B 227 -13.15 -35.49 -41.27
C GLN B 227 -14.63 -35.50 -41.59
N ASP B 228 -15.09 -34.44 -42.26
CA ASP B 228 -16.50 -34.24 -42.63
C ASP B 228 -17.39 -34.11 -41.40
N THR B 229 -16.82 -34.28 -40.20
CA THR B 229 -17.57 -34.19 -38.95
C THR B 229 -17.78 -32.73 -38.58
N GLU B 230 -19.03 -32.28 -38.61
CA GLU B 230 -19.41 -30.95 -38.15
C GLU B 230 -20.13 -31.10 -36.83
N LEU B 231 -19.59 -30.47 -35.79
CA LEU B 231 -20.17 -30.49 -34.45
C LEU B 231 -20.58 -29.06 -34.10
N VAL B 232 -21.90 -28.83 -33.93
CA VAL B 232 -22.37 -27.53 -33.45
C VAL B 232 -22.19 -27.46 -31.94
N GLU B 233 -21.95 -26.25 -31.47
CA GLU B 233 -21.87 -26.04 -30.03
C GLU B 233 -23.20 -26.37 -29.37
N THR B 234 -23.13 -26.94 -28.18
CA THR B 234 -24.33 -27.28 -27.42
C THR B 234 -25.15 -26.02 -27.17
N ARG B 235 -26.46 -26.10 -27.39
CA ARG B 235 -27.30 -24.91 -27.33
C ARG B 235 -28.47 -25.12 -26.37
N PRO B 236 -29.00 -24.03 -25.78
CA PRO B 236 -30.14 -24.18 -24.87
C PRO B 236 -31.45 -24.27 -25.62
N ALA B 237 -32.30 -25.19 -25.19
CA ALA B 237 -33.63 -25.33 -25.76
C ALA B 237 -34.59 -24.25 -25.27
N GLY B 238 -34.31 -23.66 -24.10
CA GLY B 238 -35.17 -22.65 -23.51
C GLY B 238 -36.04 -23.14 -22.37
N ASP B 239 -36.18 -24.45 -22.21
CA ASP B 239 -36.99 -25.05 -21.16
C ASP B 239 -36.16 -25.69 -20.04
N GLY B 240 -34.86 -25.41 -19.98
CA GLY B 240 -33.99 -26.07 -19.03
C GLY B 240 -33.13 -27.19 -19.60
N THR B 241 -33.41 -27.70 -20.81
CA THR B 241 -32.60 -28.75 -21.41
C THR B 241 -31.76 -28.18 -22.54
N PHE B 242 -30.95 -29.04 -23.16
CA PHE B 242 -29.99 -28.62 -24.18
C PHE B 242 -30.12 -29.50 -25.43
N GLN B 243 -29.56 -28.99 -26.52
CA GLN B 243 -29.58 -29.65 -27.82
C GLN B 243 -28.19 -29.65 -28.43
N LYS B 244 -27.93 -30.64 -29.28
CA LYS B 244 -26.67 -30.72 -30.04
C LYS B 244 -26.88 -31.68 -31.20
N TRP B 245 -26.11 -31.43 -32.26
CA TRP B 245 -26.09 -32.37 -33.41
C TRP B 245 -24.67 -32.55 -33.94
N ALA B 246 -24.44 -33.66 -34.61
CA ALA B 246 -23.17 -33.92 -35.27
C ALA B 246 -23.47 -34.45 -36.66
N ALA B 247 -22.79 -33.93 -37.66
CA ALA B 247 -23.06 -34.28 -39.05
C ALA B 247 -21.82 -34.90 -39.66
N VAL B 248 -22.02 -35.89 -40.53
CA VAL B 248 -20.92 -36.50 -41.28
C VAL B 248 -21.38 -36.64 -42.73
N VAL B 249 -20.49 -36.31 -43.66
CA VAL B 249 -20.77 -36.42 -45.08
C VAL B 249 -20.25 -37.78 -45.56
N VAL B 250 -21.13 -38.57 -46.15
CA VAL B 250 -20.83 -39.97 -46.44
C VAL B 250 -21.01 -40.20 -47.93
N PRO B 251 -20.17 -41.03 -48.56
CA PRO B 251 -20.38 -41.36 -49.98
C PRO B 251 -21.70 -42.09 -50.17
N SER B 252 -22.50 -41.61 -51.10
CA SER B 252 -23.89 -42.05 -51.19
C SER B 252 -23.96 -43.53 -51.56
N GLY B 253 -24.51 -44.34 -50.65
CA GLY B 253 -24.42 -45.78 -50.71
C GLY B 253 -23.67 -46.43 -49.55
N GLN B 254 -22.87 -45.67 -48.80
CA GLN B 254 -22.07 -46.19 -47.69
C GLN B 254 -22.59 -45.75 -46.33
N GLU B 255 -23.90 -45.46 -46.22
CA GLU B 255 -24.45 -44.93 -44.98
C GLU B 255 -24.34 -45.94 -43.84
N GLN B 256 -24.56 -47.22 -44.15
CA GLN B 256 -24.53 -48.28 -43.15
C GLN B 256 -23.15 -48.55 -42.57
N ARG B 257 -22.10 -47.90 -43.08
CA ARG B 257 -20.79 -48.02 -42.46
C ARG B 257 -20.58 -47.01 -41.32
N TYR B 258 -21.53 -46.12 -41.10
CA TYR B 258 -21.36 -45.02 -40.16
C TYR B 258 -22.25 -45.23 -38.95
N THR B 259 -21.67 -45.02 -37.75
CA THR B 259 -22.44 -45.04 -36.52
C THR B 259 -22.19 -43.76 -35.74
N CYS B 260 -23.24 -43.29 -35.09
CA CYS B 260 -23.16 -42.18 -34.16
C CYS B 260 -23.17 -42.73 -32.73
N HIS B 261 -22.29 -42.18 -31.90
CA HIS B 261 -22.15 -42.60 -30.52
C HIS B 261 -22.49 -41.43 -29.60
N VAL B 262 -23.39 -41.69 -28.65
CA VAL B 262 -23.88 -40.69 -27.70
C VAL B 262 -23.48 -41.13 -26.30
N GLN B 263 -22.69 -40.30 -25.61
CA GLN B 263 -22.33 -40.51 -24.20
C GLN B 263 -22.93 -39.38 -23.38
N HIS B 264 -23.71 -39.73 -22.37
CA HIS B 264 -24.34 -38.76 -21.50
C HIS B 264 -24.56 -39.43 -20.16
N GLU B 265 -24.47 -38.66 -19.07
CA GLU B 265 -24.59 -39.33 -17.77
C GLU B 265 -26.00 -39.85 -17.53
N GLY B 266 -27.01 -39.27 -18.16
CA GLY B 266 -28.33 -39.85 -18.10
C GLY B 266 -28.46 -41.16 -18.85
N LEU B 267 -27.38 -41.63 -19.50
CA LEU B 267 -27.44 -42.89 -20.23
C LEU B 267 -26.86 -44.00 -19.38
N PRO B 268 -27.61 -45.10 -19.17
CA PRO B 268 -26.99 -46.25 -18.49
C PRO B 268 -25.77 -46.76 -19.23
N LYS B 269 -25.87 -46.92 -20.55
CA LYS B 269 -24.76 -47.24 -21.43
C LYS B 269 -24.81 -46.31 -22.62
N PRO B 270 -23.65 -45.96 -23.19
CA PRO B 270 -23.65 -45.15 -24.42
C PRO B 270 -24.50 -45.77 -25.53
N LEU B 271 -25.03 -44.91 -26.40
CA LEU B 271 -25.88 -45.32 -27.50
C LEU B 271 -25.10 -45.44 -28.80
N THR B 272 -25.53 -46.37 -29.64
CA THR B 272 -25.05 -46.51 -31.02
C THR B 272 -26.24 -46.35 -31.94
N LEU B 273 -26.17 -45.37 -32.84
CA LEU B 273 -27.21 -45.14 -33.85
C LEU B 273 -26.65 -45.32 -35.24
N ARG B 274 -27.42 -46.00 -36.09
CA ARG B 274 -27.07 -46.17 -37.49
C ARG B 274 -28.28 -45.84 -38.35
N TRP B 275 -28.00 -45.39 -39.58
CA TRP B 275 -29.07 -45.02 -40.49
C TRP B 275 -29.79 -46.29 -40.96
N GLU B 276 -31.12 -46.29 -40.81
CA GLU B 276 -31.94 -47.47 -41.14
C GLU B 276 -33.00 -47.20 -42.22
N MET C 1 -6.76 -4.81 -30.05
CA MET C 1 -8.02 -5.47 -29.73
C MET C 1 -8.63 -6.14 -30.96
N ILE C 2 -8.88 -7.44 -30.89
CA ILE C 2 -9.51 -8.17 -31.97
C ILE C 2 -10.90 -8.54 -31.50
N GLN C 3 -11.90 -7.83 -32.02
CA GLN C 3 -13.28 -8.13 -31.71
C GLN C 3 -13.66 -9.48 -32.30
N ARG C 4 -14.61 -10.11 -31.59
CA ARG C 4 -15.03 -11.47 -31.97
C ARG C 4 -16.46 -11.43 -32.50
N THR C 5 -16.69 -12.19 -33.54
CA THR C 5 -17.93 -12.21 -34.30
C THR C 5 -18.88 -13.29 -33.77
N PRO C 6 -20.20 -13.07 -33.82
CA PRO C 6 -21.13 -14.08 -33.27
C PRO C 6 -21.31 -15.29 -34.19
N LYS C 7 -21.43 -16.45 -33.56
CA LYS C 7 -22.02 -17.63 -34.19
C LYS C 7 -23.52 -17.64 -33.92
N ILE C 8 -24.28 -18.19 -34.85
CA ILE C 8 -25.74 -18.11 -34.77
C ILE C 8 -26.34 -19.47 -35.06
N GLN C 9 -27.27 -19.90 -34.21
CA GLN C 9 -28.12 -21.05 -34.49
C GLN C 9 -29.59 -20.64 -34.38
N VAL C 10 -30.36 -20.93 -35.42
CA VAL C 10 -31.81 -20.69 -35.42
C VAL C 10 -32.49 -22.05 -35.32
N TYR C 11 -33.39 -22.21 -34.36
CA TYR C 11 -33.97 -23.53 -34.13
C TYR C 11 -35.22 -23.38 -33.29
N SER C 12 -35.94 -24.49 -33.14
CA SER C 12 -37.15 -24.52 -32.34
C SER C 12 -36.91 -25.30 -31.07
N ARG C 13 -37.65 -24.95 -30.01
CA ARG C 13 -37.46 -25.62 -28.73
C ARG C 13 -37.86 -27.09 -28.82
N HIS C 14 -38.94 -27.39 -29.50
CA HIS C 14 -39.45 -28.73 -29.70
C HIS C 14 -39.44 -29.05 -31.18
N PRO C 15 -39.44 -30.35 -31.54
CA PRO C 15 -39.53 -30.71 -32.96
C PRO C 15 -40.77 -30.10 -33.59
N ALA C 16 -40.59 -29.51 -34.78
CA ALA C 16 -41.65 -28.72 -35.40
C ALA C 16 -42.80 -29.61 -35.88
N GLU C 17 -44.01 -29.17 -35.58
CA GLU C 17 -45.24 -29.81 -36.04
C GLU C 17 -46.21 -28.71 -36.42
N ASN C 18 -46.59 -28.67 -37.69
CA ASN C 18 -47.44 -27.60 -38.18
C ASN C 18 -48.72 -27.48 -37.38
N GLY C 19 -49.02 -26.27 -36.91
CA GLY C 19 -50.20 -26.01 -36.14
C GLY C 19 -50.07 -26.25 -34.65
N LYS C 20 -48.96 -26.81 -34.20
CA LYS C 20 -48.72 -27.00 -32.78
C LYS C 20 -47.77 -25.92 -32.27
N SER C 21 -48.19 -25.20 -31.23
CA SER C 21 -47.40 -24.08 -30.71
C SER C 21 -46.03 -24.57 -30.25
N ASN C 22 -45.07 -23.65 -30.24
CA ASN C 22 -43.67 -24.00 -30.10
C ASN C 22 -42.94 -22.74 -29.63
N PHE C 23 -41.61 -22.76 -29.74
CA PHE C 23 -40.79 -21.59 -29.46
C PHE C 23 -39.73 -21.49 -30.55
N LEU C 24 -39.58 -20.29 -31.11
CA LEU C 24 -38.49 -19.98 -32.02
C LEU C 24 -37.30 -19.41 -31.25
N ASN C 25 -36.13 -20.03 -31.43
CA ASN C 25 -34.93 -19.69 -30.69
C ASN C 25 -33.86 -19.13 -31.61
N CYS C 26 -33.15 -18.12 -31.13
CA CYS C 26 -31.92 -17.68 -31.78
C CYS C 26 -30.84 -17.56 -30.73
N TYR C 27 -29.79 -18.37 -30.87
CA TYR C 27 -28.71 -18.45 -29.90
C TYR C 27 -27.48 -17.81 -30.54
N VAL C 28 -27.09 -16.64 -30.05
CA VAL C 28 -25.87 -16.00 -30.52
C VAL C 28 -24.80 -16.25 -29.47
N SER C 29 -23.61 -16.65 -29.91
CA SER C 29 -22.56 -17.03 -28.97
C SER C 29 -21.21 -16.59 -29.53
N GLY C 30 -20.22 -16.51 -28.64
CA GLY C 30 -18.85 -16.29 -29.03
C GLY C 30 -18.49 -14.88 -29.45
N PHE C 31 -19.30 -13.88 -29.15
CA PHE C 31 -19.01 -12.53 -29.63
C PHE C 31 -18.42 -11.65 -28.52
N HIS C 32 -17.67 -10.64 -28.94
CA HIS C 32 -17.13 -9.63 -28.05
C HIS C 32 -16.92 -8.39 -28.93
N PRO C 33 -17.38 -7.21 -28.51
CA PRO C 33 -17.98 -6.91 -27.20
C PRO C 33 -19.47 -7.29 -27.15
N SER C 34 -20.18 -6.81 -26.12
CA SER C 34 -21.47 -7.36 -25.76
C SER C 34 -22.63 -6.71 -26.49
N ASP C 35 -22.48 -5.49 -27.00
CA ASP C 35 -23.58 -4.87 -27.72
C ASP C 35 -23.87 -5.64 -29.00
N ILE C 36 -25.14 -6.04 -29.16
CA ILE C 36 -25.53 -6.87 -30.27
C ILE C 36 -26.99 -6.61 -30.55
N GLU C 37 -27.38 -6.78 -31.81
CA GLU C 37 -28.76 -6.61 -32.22
C GLU C 37 -29.22 -7.91 -32.85
N VAL C 38 -30.26 -8.50 -32.27
CA VAL C 38 -30.81 -9.76 -32.73
C VAL C 38 -32.30 -9.57 -32.92
N ASP C 39 -32.81 -9.93 -34.10
CA ASP C 39 -34.24 -9.95 -34.35
C ASP C 39 -34.68 -11.31 -34.87
N LEU C 40 -35.91 -11.66 -34.52
CA LEU C 40 -36.57 -12.82 -35.11
C LEU C 40 -37.53 -12.31 -36.19
N LEU C 41 -37.50 -12.96 -37.35
CA LEU C 41 -38.25 -12.48 -38.51
C LEU C 41 -39.31 -13.48 -38.95
N LYS C 42 -40.50 -12.98 -39.25
CA LYS C 42 -41.58 -13.78 -39.81
C LYS C 42 -41.88 -13.28 -41.22
N ASN C 43 -41.57 -14.12 -42.21
CA ASN C 43 -41.70 -13.75 -43.62
C ASN C 43 -41.05 -12.39 -43.87
N GLY C 44 -39.80 -12.26 -43.41
CA GLY C 44 -39.03 -11.05 -43.59
C GLY C 44 -39.37 -9.92 -42.64
N GLU C 45 -40.39 -10.07 -41.80
CA GLU C 45 -40.84 -9.02 -40.90
C GLU C 45 -40.44 -9.34 -39.47
N ARG C 46 -40.00 -8.33 -38.74
CA ARG C 46 -39.52 -8.57 -37.38
C ARG C 46 -40.68 -8.79 -36.43
N ILE C 47 -40.57 -9.83 -35.62
CA ILE C 47 -41.56 -10.14 -34.61
C ILE C 47 -41.38 -9.21 -33.42
N GLU C 48 -42.49 -8.88 -32.74
CA GLU C 48 -42.50 -7.81 -31.75
C GLU C 48 -42.06 -8.29 -30.37
N LYS C 49 -42.75 -9.29 -29.83
CA LYS C 49 -42.50 -9.73 -28.45
C LYS C 49 -41.43 -10.81 -28.46
N VAL C 50 -40.18 -10.39 -28.60
CA VAL C 50 -39.04 -11.29 -28.55
C VAL C 50 -38.30 -11.00 -27.26
N GLU C 51 -38.10 -12.02 -26.44
CA GLU C 51 -37.34 -11.93 -25.20
C GLU C 51 -35.97 -12.57 -25.37
N HIS C 52 -35.08 -12.29 -24.42
CA HIS C 52 -33.75 -12.90 -24.44
C HIS C 52 -33.28 -13.17 -23.01
N SER C 53 -32.31 -14.07 -22.90
CA SER C 53 -31.71 -14.41 -21.61
C SER C 53 -30.84 -13.27 -21.07
N ASP C 54 -30.42 -13.44 -19.83
CA ASP C 54 -29.46 -12.52 -19.22
C ASP C 54 -28.07 -12.80 -19.76
N LEU C 55 -27.38 -11.74 -20.19
CA LEU C 55 -26.01 -11.83 -20.66
C LEU C 55 -25.15 -12.68 -19.74
N SER C 56 -24.40 -13.60 -20.33
CA SER C 56 -23.44 -14.41 -19.61
C SER C 56 -22.29 -14.68 -20.56
N PHE C 57 -21.24 -15.34 -20.08
CA PHE C 57 -20.09 -15.54 -20.95
C PHE C 57 -19.43 -16.87 -20.66
N SER C 58 -18.51 -17.23 -21.57
CA SER C 58 -17.85 -18.51 -21.59
C SER C 58 -16.45 -18.38 -21.03
N LYS C 59 -15.76 -19.52 -20.96
CA LYS C 59 -14.43 -19.56 -20.37
C LYS C 59 -13.47 -18.62 -21.09
N ASP C 60 -13.64 -18.43 -22.41
CA ASP C 60 -12.79 -17.51 -23.15
C ASP C 60 -13.28 -16.06 -23.12
N TRP C 61 -14.28 -15.77 -22.29
CA TRP C 61 -14.82 -14.39 -22.06
C TRP C 61 -15.76 -13.92 -23.18
N SER C 62 -16.02 -14.75 -24.17
CA SER C 62 -16.95 -14.34 -25.21
C SER C 62 -18.37 -14.55 -24.71
N PHE C 63 -19.27 -13.64 -25.10
CA PHE C 63 -20.62 -13.59 -24.58
C PHE C 63 -21.56 -14.53 -25.34
N TYR C 64 -22.66 -14.89 -24.68
CA TYR C 64 -23.72 -15.61 -25.38
C TYR C 64 -25.07 -15.18 -24.84
N LEU C 65 -26.09 -15.30 -25.69
CA LEU C 65 -27.45 -14.89 -25.44
C LEU C 65 -28.40 -15.81 -26.22
N LEU C 66 -29.57 -16.07 -25.63
CA LEU C 66 -30.66 -16.73 -26.32
C LEU C 66 -31.82 -15.76 -26.49
N TYR C 67 -32.20 -15.49 -27.73
CA TYR C 67 -33.43 -14.77 -28.04
C TYR C 67 -34.53 -15.78 -28.38
N TYR C 68 -35.77 -15.49 -27.98
CA TYR C 68 -36.83 -16.46 -28.22
C TYR C 68 -38.19 -15.78 -28.28
N THR C 69 -39.16 -16.52 -28.81
CA THR C 69 -40.53 -16.09 -28.96
C THR C 69 -41.37 -17.30 -29.25
N GLU C 70 -42.60 -17.28 -28.72
CA GLU C 70 -43.60 -18.29 -29.03
C GLU C 70 -44.01 -18.19 -30.48
N PHE C 71 -44.25 -19.34 -31.11
CA PHE C 71 -44.77 -19.33 -32.46
C PHE C 71 -45.43 -20.66 -32.76
N THR C 72 -46.22 -20.65 -33.81
CA THR C 72 -46.86 -21.88 -34.30
C THR C 72 -46.45 -22.03 -35.75
N PRO C 73 -45.59 -22.99 -36.07
CA PRO C 73 -45.15 -23.15 -37.46
C PRO C 73 -46.30 -23.61 -38.34
N THR C 74 -46.24 -23.19 -39.61
CA THR C 74 -47.11 -23.69 -40.66
C THR C 74 -46.27 -24.23 -41.81
N GLU C 75 -46.89 -24.56 -42.93
CA GLU C 75 -46.14 -25.08 -44.06
C GLU C 75 -45.47 -23.96 -44.86
N LYS C 76 -46.14 -22.82 -45.02
CA LYS C 76 -45.66 -21.75 -45.88
C LYS C 76 -44.91 -20.66 -45.12
N ASP C 77 -44.96 -20.65 -43.79
CA ASP C 77 -44.32 -19.59 -43.04
C ASP C 77 -42.82 -19.81 -42.94
N GLU C 78 -42.07 -18.80 -43.37
CA GLU C 78 -40.61 -18.79 -43.29
C GLU C 78 -40.16 -17.98 -42.09
N TYR C 79 -39.15 -18.48 -41.39
CA TYR C 79 -38.62 -17.79 -40.23
C TYR C 79 -37.11 -17.63 -40.36
N ALA C 80 -36.59 -16.60 -39.69
CA ALA C 80 -35.16 -16.32 -39.72
C ALA C 80 -34.78 -15.45 -38.52
N CYS C 81 -33.48 -15.35 -38.29
CA CYS C 81 -32.89 -14.53 -37.25
C CYS C 81 -31.93 -13.56 -37.93
N ARG C 82 -32.01 -12.27 -37.55
CA ARG C 82 -31.19 -11.21 -38.11
C ARG C 82 -30.32 -10.63 -37.02
N VAL C 83 -29.00 -10.72 -37.19
CA VAL C 83 -28.04 -10.34 -36.15
C VAL C 83 -27.14 -9.24 -36.68
N ASN C 84 -26.95 -8.20 -35.88
CA ASN C 84 -25.98 -7.17 -36.19
C ASN C 84 -25.03 -6.97 -35.02
N HIS C 85 -23.77 -6.69 -35.34
CA HIS C 85 -22.70 -6.64 -34.37
C HIS C 85 -21.61 -5.82 -35.02
N VAL C 86 -20.78 -5.16 -34.21
CA VAL C 86 -19.73 -4.29 -34.72
C VAL C 86 -18.78 -5.04 -35.66
N THR C 87 -18.67 -6.36 -35.54
CA THR C 87 -17.77 -7.12 -36.39
C THR C 87 -18.35 -7.47 -37.76
N LEU C 88 -19.61 -7.12 -38.05
CA LEU C 88 -20.27 -7.53 -39.28
C LEU C 88 -20.36 -6.36 -40.25
N SER C 89 -20.10 -6.65 -41.54
CA SER C 89 -20.18 -5.62 -42.58
C SER C 89 -21.62 -5.20 -42.81
N GLN C 90 -22.55 -6.12 -42.65
CA GLN C 90 -23.98 -5.90 -42.79
C GLN C 90 -24.66 -6.92 -41.91
N PRO C 91 -25.94 -6.72 -41.56
CA PRO C 91 -26.65 -7.73 -40.77
C PRO C 91 -26.52 -9.11 -41.38
N LYS C 92 -26.34 -10.11 -40.51
CA LYS C 92 -26.29 -11.51 -40.92
C LYS C 92 -27.66 -12.13 -40.68
N ILE C 93 -28.24 -12.70 -41.72
CA ILE C 93 -29.54 -13.35 -41.64
C ILE C 93 -29.33 -14.84 -41.79
N VAL C 94 -29.86 -15.61 -40.83
CA VAL C 94 -29.82 -17.07 -40.88
C VAL C 94 -31.27 -17.56 -40.91
N LYS C 95 -31.59 -18.39 -41.89
CA LYS C 95 -32.95 -18.90 -42.00
C LYS C 95 -33.16 -20.10 -41.09
N TRP C 96 -34.36 -20.22 -40.51
CA TRP C 96 -34.70 -21.40 -39.74
C TRP C 96 -34.95 -22.58 -40.69
N ASP C 97 -34.26 -23.69 -40.44
CA ASP C 97 -34.41 -24.89 -41.25
C ASP C 97 -34.89 -26.03 -40.35
N ARG C 98 -36.13 -26.47 -40.55
CA ARG C 98 -36.71 -27.57 -39.78
C ARG C 98 -35.90 -28.86 -39.94
N ASP C 99 -34.91 -28.84 -40.82
CA ASP C 99 -33.89 -29.89 -40.95
C ASP C 99 -34.46 -31.18 -41.51
N ASP D 2 -10.02 14.74 -4.06
CA ASP D 2 -9.30 13.84 -4.96
C ASP D 2 -9.94 12.45 -4.97
N LYS D 3 -10.26 11.94 -6.17
CA LYS D 3 -10.84 10.61 -6.30
C LYS D 3 -9.92 9.53 -5.75
N GLU D 4 -8.61 9.67 -5.98
CA GLU D 4 -7.65 8.66 -5.52
C GLU D 4 -7.66 8.56 -4.00
N ILE D 5 -7.61 9.70 -3.31
CA ILE D 5 -7.62 9.69 -1.85
C ILE D 5 -8.89 9.01 -1.34
N ALA D 6 -10.04 9.38 -1.91
CA ALA D 6 -11.29 8.75 -1.52
C ALA D 6 -11.23 7.24 -1.77
N LYS D 7 -10.68 6.82 -2.91
CA LYS D 7 -10.63 5.40 -3.21
C LYS D 7 -9.76 4.67 -2.19
N GLU D 8 -8.66 5.30 -1.78
CA GLU D 8 -7.72 4.68 -0.85
C GLU D 8 -8.33 4.53 0.54
N ILE D 9 -9.17 5.50 0.93
CA ILE D 9 -9.84 5.44 2.23
C ILE D 9 -10.91 4.37 2.22
N PHE D 10 -11.71 4.31 1.15
CA PHE D 10 -12.64 3.21 0.97
C PHE D 10 -11.91 1.86 1.06
N ASN D 11 -10.79 1.73 0.33
CA ASN D 11 -10.09 0.47 0.28
C ASN D 11 -9.55 0.07 1.65
N MET D 12 -8.97 1.02 2.37
CA MET D 12 -8.45 0.78 3.74
C MET D 12 -9.59 0.36 4.67
N MET D 13 -10.76 0.97 4.49
CA MET D 13 -11.89 0.65 5.36
C MET D 13 -12.21 -0.84 5.29
N PHE D 14 -12.29 -1.39 4.08
CA PHE D 14 -12.65 -2.78 3.92
C PHE D 14 -11.47 -3.71 4.21
N MET D 15 -10.25 -3.26 3.95
CA MET D 15 -9.07 -4.00 4.42
C MET D 15 -9.17 -4.29 5.91
N LEU D 16 -9.50 -3.28 6.71
CA LEU D 16 -9.62 -3.50 8.15
C LEU D 16 -10.86 -4.32 8.49
N LEU D 17 -11.93 -4.20 7.70
CA LEU D 17 -13.13 -4.96 8.00
C LEU D 17 -12.84 -6.44 7.95
N TRP D 18 -12.03 -6.87 6.97
CA TRP D 18 -11.66 -8.27 6.94
C TRP D 18 -10.81 -8.67 8.15
N ARG D 19 -9.86 -7.80 8.54
CA ARG D 19 -9.06 -8.11 9.72
C ARG D 19 -9.93 -8.23 10.97
N VAL D 20 -11.02 -7.45 11.07
CA VAL D 20 -11.98 -7.66 12.15
C VAL D 20 -12.74 -8.97 11.94
N PHE D 21 -13.33 -9.14 10.74
CA PHE D 21 -14.24 -10.24 10.47
C PHE D 21 -13.55 -11.60 10.62
N ARG D 22 -12.34 -11.73 10.08
CA ARG D 22 -11.68 -13.03 9.98
C ARG D 22 -11.41 -13.67 11.33
N SER D 23 -11.32 -12.89 12.40
CA SER D 23 -11.06 -13.47 13.71
C SER D 23 -12.23 -13.27 14.65
N GLN D 24 -13.39 -12.90 14.11
CA GLN D 24 -14.58 -12.67 14.91
C GLN D 24 -15.31 -14.00 15.02
N ARG D 25 -15.03 -14.72 16.10
CA ARG D 25 -15.77 -15.93 16.40
C ARG D 25 -17.12 -15.56 16.97
N ILE D 26 -18.19 -16.17 16.45
CA ILE D 26 -19.52 -15.86 16.93
C ILE D 26 -19.99 -16.99 17.82
N ASP D 27 -19.83 -16.83 19.12
CA ASP D 27 -20.34 -17.77 20.10
C ASP D 27 -21.20 -17.02 21.13
N ALA D 28 -21.86 -17.79 21.99
CA ALA D 28 -22.30 -17.24 23.26
C ALA D 28 -21.10 -17.31 24.20
N ASN D 29 -21.00 -16.32 25.10
CA ASN D 29 -19.77 -15.95 25.78
C ASN D 29 -18.74 -15.37 24.82
N ASN D 30 -19.12 -15.14 23.55
CA ASN D 30 -18.40 -14.25 22.66
C ASN D 30 -19.18 -12.97 22.41
N VAL D 31 -20.21 -12.70 23.23
CA VAL D 31 -20.98 -11.48 23.11
C VAL D 31 -20.12 -10.25 23.37
N GLU D 32 -19.14 -10.34 24.27
CA GLU D 32 -18.27 -9.19 24.53
C GLU D 32 -17.32 -8.94 23.37
N LEU D 33 -16.84 -9.99 22.69
CA LEU D 33 -16.03 -9.78 21.49
C LEU D 33 -16.85 -9.09 20.41
N ILE D 34 -18.12 -9.44 20.29
CA ILE D 34 -18.96 -8.79 19.29
C ILE D 34 -19.13 -7.32 19.62
N LYS D 35 -19.37 -7.00 20.90
CA LYS D 35 -19.53 -5.61 21.29
C LYS D 35 -18.25 -4.83 21.07
N PHE D 36 -17.10 -5.45 21.34
CA PHE D 36 -15.82 -4.83 21.04
C PHE D 36 -15.66 -4.56 19.54
N ASN D 37 -16.11 -5.49 18.69
CA ASN D 37 -15.93 -5.29 17.24
C ASN D 37 -16.89 -4.26 16.65
N ILE D 38 -18.08 -4.12 17.23
CA ILE D 38 -18.93 -2.98 16.87
C ILE D 38 -18.20 -1.67 17.13
N ARG D 39 -17.55 -1.55 18.30
CA ARG D 39 -16.77 -0.33 18.57
C ARG D 39 -15.58 -0.19 17.62
N VAL D 40 -14.96 -1.30 17.23
CA VAL D 40 -13.86 -1.20 16.28
C VAL D 40 -14.37 -0.69 14.93
N LEU D 41 -15.53 -1.14 14.49
CA LEU D 41 -16.08 -0.68 13.20
C LEU D 41 -16.38 0.83 13.32
N ASP D 42 -16.87 1.28 14.47
CA ASP D 42 -17.10 2.70 14.68
C ASP D 42 -15.81 3.51 14.55
N TRP D 43 -14.72 2.97 15.10
CA TRP D 43 -13.43 3.64 15.03
C TRP D 43 -12.92 3.68 13.60
N ILE D 44 -13.05 2.56 12.87
CA ILE D 44 -12.69 2.54 11.45
C ILE D 44 -13.42 3.65 10.70
N MET D 45 -14.75 3.74 10.90
CA MET D 45 -15.53 4.78 10.24
C MET D 45 -15.10 6.18 10.70
N ALA D 46 -14.90 6.36 12.00
CA ALA D 46 -14.50 7.67 12.48
C ALA D 46 -13.14 8.08 11.91
N GLU D 47 -12.19 7.14 11.83
CA GLU D 47 -10.87 7.51 11.36
C GLU D 47 -10.87 7.79 9.86
N ALA D 48 -11.68 7.05 9.10
CA ALA D 48 -11.90 7.40 7.70
C ALA D 48 -12.40 8.83 7.56
N ASP D 49 -13.37 9.21 8.40
CA ASP D 49 -13.88 10.58 8.36
C ASP D 49 -12.79 11.59 8.66
N ASN D 50 -11.92 11.28 9.62
CA ASN D 50 -10.82 12.19 9.93
C ASN D 50 -9.89 12.35 8.73
N ASP D 51 -9.61 11.24 8.05
CA ASP D 51 -8.79 11.29 6.85
C ASP D 51 -9.44 12.16 5.77
N LEU D 52 -10.75 12.01 5.57
CA LEU D 52 -11.46 12.82 4.58
C LEU D 52 -11.32 14.29 4.89
N CYS D 53 -11.40 14.65 6.17
CA CYS D 53 -11.29 16.05 6.58
C CYS D 53 -9.88 16.59 6.37
N TYR D 54 -8.86 15.82 6.72
CA TYR D 54 -7.49 16.34 6.63
C TYR D 54 -7.02 16.45 5.19
N PHE D 55 -7.28 15.42 4.37
CA PHE D 55 -6.96 15.38 2.95
C PHE D 55 -8.20 15.84 2.17
N ILE D 56 -8.29 15.52 0.87
CA ILE D 56 -9.50 15.73 0.07
C ILE D 56 -10.04 17.15 0.25
N GLY D 57 -9.40 18.12 -0.41
CA GLY D 57 -9.72 19.52 -0.14
C GLY D 57 -9.82 19.74 1.36
N THR D 58 -11.03 19.49 1.88
CA THR D 58 -11.32 19.33 3.31
C THR D 58 -12.83 19.22 3.52
N HIS D 59 -13.61 19.22 2.42
CA HIS D 59 -15.06 19.44 2.43
C HIS D 59 -15.50 20.35 3.59
N ASP D 60 -14.76 21.45 3.79
CA ASP D 60 -14.96 22.53 4.75
C ASP D 60 -15.71 22.15 6.02
N LYS D 61 -16.99 21.80 5.88
CA LYS D 61 -17.88 21.53 7.00
C LYS D 61 -17.42 20.36 7.87
N CYS D 62 -16.17 20.41 8.35
CA CYS D 62 -15.63 19.41 9.26
C CYS D 62 -14.51 20.05 10.07
N GLU D 63 -14.29 19.54 11.29
CA GLU D 63 -13.20 20.00 12.14
C GLU D 63 -11.91 19.26 11.78
N ASN D 64 -11.00 19.98 11.14
CA ASN D 64 -9.63 19.61 10.87
C ASN D 64 -9.01 18.90 12.08
N PRO D 65 -8.61 17.63 11.92
CA PRO D 65 -8.03 16.91 13.06
C PRO D 65 -6.61 17.30 13.39
N LYS D 66 -6.00 18.21 12.63
CA LYS D 66 -4.56 18.43 12.72
C LYS D 66 -4.11 18.81 14.12
N GLU D 67 -4.76 19.82 14.73
CA GLU D 67 -4.32 20.26 16.06
C GLU D 67 -4.49 19.17 17.10
N GLN D 68 -5.53 18.33 16.94
CA GLN D 68 -5.68 17.19 17.87
C GLN D 68 -4.54 16.18 17.66
N TRP D 69 -4.13 15.99 16.41
CA TRP D 69 -3.00 15.09 16.17
C TRP D 69 -1.74 15.62 16.85
N VAL D 70 -1.54 16.94 16.84
CA VAL D 70 -0.34 17.53 17.44
C VAL D 70 -0.34 17.33 18.94
N ALA D 71 -1.45 17.66 19.60
CA ALA D 71 -1.50 17.54 21.06
C ALA D 71 -1.46 16.08 21.49
N ASN D 72 -2.12 15.18 20.75
CA ASN D 72 -2.15 13.79 21.16
C ASN D 72 -0.79 13.12 21.00
N TYR D 73 -0.09 13.39 19.89
CA TYR D 73 1.30 12.95 19.76
C TYR D 73 2.14 13.45 20.93
N GLN D 74 1.99 14.73 21.25
CA GLN D 74 2.79 15.34 22.31
C GLN D 74 2.52 14.67 23.66
N ASN D 75 1.24 14.51 24.04
CA ASN D 75 0.96 13.88 25.33
C ASN D 75 1.43 12.44 25.36
N LEU D 76 1.39 11.76 24.22
CA LEU D 76 1.78 10.36 24.18
C LEU D 76 3.29 10.20 24.30
N ASN D 77 4.05 11.05 23.62
CA ASN D 77 5.50 11.03 23.84
C ASN D 77 5.84 11.29 25.31
N ASN D 78 5.06 12.11 26.00
CA ASN D 78 5.38 12.35 27.41
C ASN D 78 4.90 11.23 28.31
N VAL D 79 3.73 10.64 28.04
CA VAL D 79 3.28 9.52 28.87
C VAL D 79 4.20 8.31 28.69
N VAL D 80 4.55 7.98 27.46
CA VAL D 80 5.23 6.69 27.22
C VAL D 80 6.73 6.81 27.40
N PHE D 81 7.35 7.93 27.00
CA PHE D 81 8.79 7.99 26.86
C PHE D 81 9.45 8.96 27.84
N THR D 82 9.18 10.26 27.75
CA THR D 82 9.92 11.23 28.53
C THR D 82 9.57 11.19 30.01
N ASN D 83 8.33 10.80 30.34
CA ASN D 83 7.79 10.83 31.70
C ASN D 83 7.58 12.25 32.22
N LYS D 84 7.60 13.25 31.34
CA LYS D 84 7.24 14.60 31.75
C LYS D 84 5.75 14.65 32.11
N GLU D 85 5.43 15.36 33.18
CA GLU D 85 4.09 15.31 33.74
C GLU D 85 3.05 15.97 32.84
N LEU D 86 1.93 15.29 32.72
CA LEU D 86 0.78 15.90 32.00
C LEU D 86 -0.04 16.63 33.06
N GLU D 87 -0.47 17.85 32.78
CA GLU D 87 -1.18 18.68 33.73
C GLU D 87 -2.69 18.64 33.47
N ASP D 88 -3.46 18.76 34.57
CA ASP D 88 -4.92 18.94 34.50
C ASP D 88 -5.61 17.76 33.86
N ILE D 89 -5.09 16.55 34.12
CA ILE D 89 -5.67 15.34 33.54
C ILE D 89 -6.50 14.54 34.54
N TYR D 90 -6.55 14.97 35.81
CA TYR D 90 -7.44 14.34 36.80
C TYR D 90 -7.65 15.27 37.99
N ASP D 91 -8.58 14.87 38.85
CA ASP D 91 -8.81 15.42 40.17
C ASP D 91 -8.68 14.30 41.20
N LEU D 92 -8.92 14.63 42.48
CA LEU D 92 -8.73 13.66 43.55
C LEU D 92 -9.63 12.45 43.40
N SER D 93 -10.85 12.64 42.88
CA SER D 93 -11.77 11.52 42.79
C SER D 93 -11.39 10.50 41.72
N ASN D 94 -10.59 10.89 40.72
CA ASN D 94 -10.24 9.96 39.65
C ASN D 94 -8.74 9.93 39.39
N LYS D 95 -7.94 10.48 40.32
CA LYS D 95 -6.49 10.45 40.19
C LYS D 95 -5.96 9.03 40.08
N GLU D 96 -6.51 8.10 40.87
CA GLU D 96 -5.92 6.77 40.91
C GLU D 96 -6.28 5.95 39.70
N GLU D 97 -7.55 5.97 39.28
CA GLU D 97 -7.94 5.29 38.06
C GLU D 97 -7.14 5.79 36.86
N THR D 98 -6.91 7.10 36.78
CA THR D 98 -6.20 7.66 35.63
C THR D 98 -4.73 7.24 35.62
N LYS D 99 -4.08 7.32 36.79
CA LYS D 99 -2.68 6.90 36.87
C LYS D 99 -2.52 5.41 36.56
N GLU D 100 -3.44 4.58 37.05
CA GLU D 100 -3.42 3.15 36.79
C GLU D 100 -3.49 2.84 35.28
N VAL D 101 -4.44 3.47 34.58
CA VAL D 101 -4.63 3.14 33.17
C VAL D 101 -3.50 3.71 32.32
N LEU D 102 -2.95 4.85 32.70
CA LEU D 102 -1.79 5.41 32.00
C LEU D 102 -0.59 4.47 32.10
N LYS D 103 -0.39 3.85 33.28
CA LYS D 103 0.69 2.90 33.49
C LYS D 103 0.47 1.63 32.65
N LYS D 104 -0.72 1.03 32.79
CA LYS D 104 -1.13 -0.06 31.89
C LYS D 104 -0.89 0.32 30.43
N PHE D 105 -1.23 1.55 30.07
CA PHE D 105 -1.09 1.96 28.68
C PHE D 105 0.38 2.00 28.27
N LYS D 106 1.23 2.64 29.09
CA LYS D 106 2.65 2.71 28.78
C LYS D 106 3.26 1.30 28.66
N GLU D 107 2.84 0.38 29.51
CA GLU D 107 3.36 -0.97 29.39
C GLU D 107 2.94 -1.61 28.07
N LYS D 108 1.69 -1.38 27.65
CA LYS D 108 1.19 -1.95 26.41
C LYS D 108 1.95 -1.43 25.20
N VAL D 109 2.32 -0.16 25.22
CA VAL D 109 3.06 0.42 24.10
C VAL D 109 4.49 -0.11 24.05
N ASN D 110 5.14 -0.23 25.22
CA ASN D 110 6.45 -0.89 25.28
C ASN D 110 6.36 -2.34 24.79
N GLN D 111 5.31 -3.06 25.18
CA GLN D 111 5.15 -4.43 24.73
C GLN D 111 4.91 -4.48 23.21
N PHE D 112 4.18 -3.50 22.68
CA PHE D 112 3.91 -3.44 21.25
C PHE D 112 5.21 -3.28 20.46
N TYR D 113 6.06 -2.35 20.90
CA TYR D 113 7.37 -2.18 20.28
C TYR D 113 8.17 -3.46 20.30
N ARG D 114 8.26 -4.10 21.47
CA ARG D 114 8.97 -5.38 21.62
C ARG D 114 8.41 -6.40 20.65
N HIS D 115 7.09 -6.53 20.62
CA HIS D 115 6.45 -7.52 19.77
C HIS D 115 6.80 -7.29 18.31
N ALA D 116 6.66 -6.04 17.84
CA ALA D 116 6.93 -5.72 16.44
C ALA D 116 8.41 -5.89 16.10
N PHE D 117 9.31 -5.35 16.93
CA PHE D 117 10.71 -5.45 16.55
C PHE D 117 11.24 -6.87 16.72
N ASP D 118 10.63 -7.69 17.58
CA ASP D 118 10.99 -9.10 17.59
C ASP D 118 10.67 -9.76 16.26
N ILE D 119 9.61 -9.30 15.58
CA ILE D 119 9.27 -9.85 14.27
C ILE D 119 10.39 -9.58 13.27
N ILE D 120 10.91 -8.35 13.27
CA ILE D 120 12.02 -7.99 12.40
C ILE D 120 13.29 -8.76 12.76
N ASN D 121 13.53 -8.97 14.05
CA ASN D 121 14.67 -9.79 14.47
C ASN D 121 14.56 -11.21 13.95
N LYS D 122 13.37 -11.81 14.04
CA LYS D 122 13.24 -13.23 13.71
C LYS D 122 13.24 -13.48 12.21
N TYR D 123 12.55 -12.63 11.43
CA TYR D 123 12.32 -12.90 10.03
C TYR D 123 12.78 -11.80 9.09
N GLY D 124 13.07 -10.60 9.58
CA GLY D 124 13.30 -9.48 8.70
C GLY D 124 14.75 -9.14 8.39
N LEU D 125 15.71 -9.85 8.97
CA LEU D 125 17.11 -9.39 8.93
C LEU D 125 18.06 -10.38 8.25
N SER E 1 -24.96 -17.98 -2.88
CA SER E 1 -24.72 -16.76 -2.11
C SER E 1 -23.47 -16.01 -2.58
N LEU E 2 -23.62 -14.71 -2.81
CA LEU E 2 -22.54 -13.84 -3.26
C LEU E 2 -21.45 -13.67 -2.20
N LEU E 3 -20.29 -13.24 -2.69
CA LEU E 3 -19.20 -12.78 -1.79
C LEU E 3 -19.73 -11.55 -1.05
N MET E 4 -19.27 -11.34 0.17
CA MET E 4 -19.79 -10.23 0.97
C MET E 4 -19.33 -8.88 0.43
N TRP E 5 -18.14 -8.80 -0.17
CA TRP E 5 -17.72 -7.60 -0.87
C TRP E 5 -16.54 -7.91 -1.77
N ILE E 6 -16.27 -7.00 -2.71
CA ILE E 6 -15.11 -7.14 -3.57
C ILE E 6 -14.20 -5.93 -3.38
N THR E 7 -12.97 -6.05 -3.88
CA THR E 7 -11.89 -5.09 -3.68
C THR E 7 -11.53 -4.43 -5.00
N GLN E 8 -11.30 -3.11 -4.95
CA GLN E 8 -10.97 -2.31 -6.12
C GLN E 8 -9.71 -2.84 -6.81
N VAL E 9 -9.68 -2.79 -8.15
CA VAL E 9 -8.46 -3.14 -8.87
C VAL E 9 -7.49 -1.97 -8.86
N GLY F 2 16.89 35.45 19.87
CA GLY F 2 16.67 35.25 18.45
C GLY F 2 15.99 33.94 18.09
N SER F 3 16.14 33.51 16.84
CA SER F 3 15.66 32.21 16.40
C SER F 3 16.43 31.07 17.09
N HIS F 4 15.83 29.89 17.05
CA HIS F 4 16.44 28.69 17.59
C HIS F 4 16.01 27.48 16.76
N SER F 5 16.75 26.38 16.94
CA SER F 5 16.46 25.16 16.21
C SER F 5 16.87 23.96 17.05
N MET F 6 16.14 22.86 16.88
CA MET F 6 16.53 21.56 17.39
C MET F 6 16.68 20.65 16.19
N ARG F 7 17.76 19.86 16.16
CA ARG F 7 18.05 19.05 14.99
C ARG F 7 18.66 17.74 15.43
N TYR F 8 18.18 16.64 14.85
CA TYR F 8 18.79 15.33 15.03
C TYR F 8 19.42 14.89 13.71
N PHE F 9 20.57 14.21 13.81
CA PHE F 9 21.35 13.75 12.67
C PHE F 9 21.65 12.29 12.86
N PHE F 10 21.33 11.47 11.85
CA PHE F 10 21.54 10.04 11.94
C PHE F 10 22.39 9.57 10.77
N THR F 11 23.44 8.82 11.08
CA THR F 11 24.31 8.23 10.06
C THR F 11 24.25 6.73 10.22
N SER F 12 24.03 6.04 9.09
CA SER F 12 23.88 4.59 9.04
C SER F 12 24.78 4.07 7.92
N VAL F 13 25.74 3.22 8.27
CA VAL F 13 26.73 2.76 7.31
C VAL F 13 26.79 1.24 7.36
N SER F 14 26.52 0.59 6.23
CA SER F 14 26.68 -0.85 6.17
C SER F 14 28.17 -1.20 6.24
N ARG F 15 28.45 -2.34 6.86
CA ARG F 15 29.83 -2.80 7.05
C ARG F 15 29.89 -4.24 6.57
N PRO F 16 30.01 -4.44 5.26
CA PRO F 16 29.95 -5.80 4.69
C PRO F 16 31.00 -6.71 5.30
N GLY F 17 30.58 -7.91 5.69
CA GLY F 17 31.48 -8.86 6.28
C GLY F 17 31.82 -8.59 7.73
N ARG F 18 31.88 -7.30 8.10
CA ARG F 18 32.29 -6.88 9.45
C ARG F 18 31.10 -6.67 10.39
N GLY F 19 30.09 -7.54 10.32
CA GLY F 19 29.04 -7.54 11.33
C GLY F 19 27.91 -6.55 11.04
N GLU F 20 27.30 -6.10 12.12
CA GLU F 20 26.15 -5.18 12.04
C GLU F 20 26.60 -3.81 11.53
N PRO F 21 25.70 -3.00 10.96
CA PRO F 21 26.10 -1.70 10.43
C PRO F 21 26.28 -0.68 11.55
N ARG F 22 27.05 0.35 11.24
CA ARG F 22 27.23 1.44 12.18
C ARG F 22 26.00 2.35 12.21
N PHE F 23 25.65 2.82 13.41
CA PHE F 23 24.57 3.77 13.56
C PHE F 23 24.96 4.80 14.62
N ILE F 24 24.97 6.08 14.23
CA ILE F 24 25.36 7.20 15.08
C ILE F 24 24.27 8.27 15.04
N ALA F 25 23.78 8.67 16.20
CA ALA F 25 22.77 9.72 16.28
C ALA F 25 23.29 10.84 17.17
N VAL F 26 23.08 12.08 16.73
CA VAL F 26 23.52 13.25 17.48
C VAL F 26 22.41 14.30 17.41
N GLY F 27 22.20 14.99 18.52
CA GLY F 27 21.20 16.03 18.62
C GLY F 27 21.82 17.35 19.02
N TYR F 28 21.31 18.43 18.43
CA TYR F 28 21.81 19.77 18.63
C TYR F 28 20.63 20.68 18.95
N VAL F 29 20.83 21.57 19.92
CA VAL F 29 20.07 22.81 19.99
C VAL F 29 21.02 23.87 19.48
N ASP F 30 20.59 24.63 18.47
CA ASP F 30 21.40 25.66 17.82
C ASP F 30 22.77 25.03 17.49
N ASP F 31 23.89 25.62 17.92
CA ASP F 31 25.22 25.16 17.57
C ASP F 31 25.85 24.31 18.67
N THR F 32 25.05 23.80 19.59
CA THR F 32 25.49 23.02 20.75
C THR F 32 24.93 21.60 20.68
N GLN F 33 25.79 20.60 20.78
CA GLN F 33 25.33 19.22 20.84
C GLN F 33 24.94 18.85 22.26
N PHE F 34 23.85 18.10 22.42
CA PHE F 34 23.40 17.71 23.75
C PHE F 34 23.22 16.21 23.98
N VAL F 35 23.24 15.43 22.90
CA VAL F 35 23.04 13.97 23.02
C VAL F 35 23.76 13.21 21.92
N ARG F 36 24.00 11.94 22.18
CA ARG F 36 24.54 11.07 21.15
C ARG F 36 24.12 9.63 21.45
N PHE F 37 24.08 8.83 20.40
CA PHE F 37 24.03 7.38 20.47
C PHE F 37 25.01 6.86 19.44
N ASP F 38 25.76 5.84 19.81
CA ASP F 38 26.74 5.22 18.92
C ASP F 38 26.60 3.72 19.11
N SER F 39 26.14 3.03 18.06
CA SER F 39 25.92 1.58 18.13
C SER F 39 27.17 0.81 18.54
N ASP F 40 28.36 1.36 18.29
CA ASP F 40 29.65 0.72 18.54
C ASP F 40 30.17 0.96 19.95
N ALA F 41 29.42 1.65 20.79
CA ALA F 41 29.86 2.00 22.13
C ALA F 41 29.35 0.97 23.13
N ALA F 42 29.91 1.02 24.34
CA ALA F 42 29.62 0.00 25.33
C ALA F 42 28.23 0.15 25.94
N SER F 43 27.77 1.39 26.12
CA SER F 43 26.60 1.62 26.96
C SER F 43 25.31 1.21 26.27
N GLN F 44 25.24 1.32 24.94
CA GLN F 44 24.01 1.03 24.21
C GLN F 44 22.83 1.89 24.72
N ARG F 45 23.11 3.15 25.05
CA ARG F 45 22.12 4.09 25.60
C ARG F 45 22.30 5.46 24.97
N MET F 46 21.20 6.19 24.82
CA MET F 46 21.28 7.63 24.62
C MET F 46 22.13 8.24 25.73
N GLU F 47 23.09 9.08 25.34
CA GLU F 47 24.07 9.62 26.28
C GLU F 47 24.03 11.14 26.30
N PRO F 48 24.05 11.76 27.48
CA PRO F 48 24.15 13.21 27.56
C PRO F 48 25.51 13.70 27.04
N ARG F 49 25.50 14.85 26.37
CA ARG F 49 26.73 15.44 25.83
C ARG F 49 26.83 16.91 26.21
N ALA F 50 25.92 17.41 27.04
CA ALA F 50 25.94 18.73 27.64
C ALA F 50 25.42 18.59 29.07
N PRO F 51 25.92 19.40 30.00
CA PRO F 51 25.59 19.15 31.41
C PRO F 51 24.13 19.44 31.78
N TRP F 52 23.47 20.36 31.07
CA TRP F 52 22.09 20.72 31.36
C TRP F 52 21.07 19.68 30.91
N ILE F 53 21.45 18.77 30.02
CA ILE F 53 20.54 17.68 29.69
C ILE F 53 20.65 16.57 30.74
N GLU F 54 21.74 16.55 31.51
CA GLU F 54 21.89 15.56 32.57
C GLU F 54 20.83 15.71 33.65
N GLN F 55 20.26 16.91 33.81
CA GLN F 55 19.22 17.14 34.81
C GLN F 55 18.03 16.19 34.64
N GLU F 56 17.68 15.86 33.40
CA GLU F 56 16.54 14.98 33.15
C GLU F 56 16.74 13.65 33.87
N GLY F 57 15.62 13.07 34.32
CA GLY F 57 15.67 11.90 35.16
C GLY F 57 16.00 10.64 34.39
N PRO F 58 16.09 9.53 35.13
CA PRO F 58 16.39 8.25 34.47
C PRO F 58 15.28 7.72 33.57
N GLU F 59 14.02 8.07 33.83
CA GLU F 59 12.93 7.58 32.98
C GLU F 59 13.01 8.20 31.59
N TYR F 60 13.40 9.47 31.52
CA TYR F 60 13.57 10.15 30.25
C TYR F 60 14.63 9.46 29.40
N TRP F 61 15.78 9.12 30.01
CA TRP F 61 16.88 8.51 29.28
C TRP F 61 16.53 7.10 28.83
N ASP F 62 15.80 6.35 29.66
CA ASP F 62 15.22 5.09 29.19
C ASP F 62 14.38 5.32 27.93
N GLY F 63 13.53 6.34 27.95
CA GLY F 63 12.63 6.57 26.84
C GLY F 63 13.34 7.04 25.58
N GLU F 64 14.35 7.90 25.72
CA GLU F 64 15.11 8.30 24.54
C GLU F 64 15.91 7.12 23.99
N THR F 65 16.42 6.28 24.89
CA THR F 65 17.12 5.06 24.49
C THR F 65 16.21 4.11 23.72
N ARG F 66 14.96 3.96 24.17
CA ARG F 66 14.00 3.12 23.47
C ARG F 66 13.73 3.65 22.07
N LYS F 67 13.53 4.96 21.95
CA LYS F 67 13.26 5.53 20.63
C LYS F 67 14.48 5.45 19.71
N VAL F 68 15.68 5.79 20.20
CA VAL F 68 16.86 5.71 19.34
C VAL F 68 17.09 4.26 18.91
N LYS F 69 16.74 3.29 19.74
CA LYS F 69 16.92 1.89 19.35
C LYS F 69 15.97 1.51 18.23
N ALA F 70 14.74 2.05 18.26
CA ALA F 70 13.80 1.84 17.17
C ALA F 70 14.31 2.51 15.88
N HIS F 71 14.90 3.71 16.00
CA HIS F 71 15.53 4.35 14.84
C HIS F 71 16.60 3.45 14.23
N SER F 72 17.52 2.97 15.07
CA SER F 72 18.63 2.15 14.63
C SER F 72 18.15 0.87 13.94
N GLN F 73 17.17 0.18 14.53
CA GLN F 73 16.67 -1.05 13.92
C GLN F 73 15.96 -0.78 12.60
N THR F 74 15.27 0.34 12.48
CA THR F 74 14.62 0.63 11.21
C THR F 74 15.63 1.06 10.16
N HIS F 75 16.71 1.73 10.57
CA HIS F 75 17.76 2.05 9.62
C HIS F 75 18.48 0.80 9.12
N ARG F 76 18.71 -0.16 10.01
CA ARG F 76 19.27 -1.46 9.61
C ARG F 76 18.42 -2.13 8.54
N VAL F 77 17.10 -2.16 8.73
CA VAL F 77 16.24 -2.72 7.69
C VAL F 77 16.38 -1.92 6.41
N ASP F 78 16.37 -0.59 6.52
CA ASP F 78 16.43 0.29 5.36
C ASP F 78 17.63 0.00 4.46
N LEU F 79 18.79 -0.30 5.05
CA LEU F 79 19.98 -0.55 4.23
C LEU F 79 19.77 -1.72 3.27
N GLY F 80 19.12 -2.78 3.76
CA GLY F 80 18.79 -3.90 2.88
C GLY F 80 17.78 -3.54 1.81
N THR F 81 16.70 -2.86 2.21
CA THR F 81 15.68 -2.42 1.26
C THR F 81 16.29 -1.63 0.11
N LEU F 82 17.15 -0.64 0.44
CA LEU F 82 17.74 0.25 -0.56
C LEU F 82 18.71 -0.50 -1.46
N ARG F 83 19.46 -1.42 -0.88
CA ARG F 83 20.28 -2.34 -1.68
C ARG F 83 19.43 -3.00 -2.75
N GLY F 84 18.23 -3.46 -2.37
CA GLY F 84 17.32 -4.06 -3.33
C GLY F 84 16.73 -3.08 -4.34
N TYR F 85 16.23 -1.93 -3.86
CA TYR F 85 15.70 -0.95 -4.79
C TYR F 85 16.71 -0.59 -5.89
N TYR F 86 17.99 -0.57 -5.57
CA TYR F 86 19.02 -0.15 -6.50
C TYR F 86 19.82 -1.31 -7.07
N ASN F 87 19.32 -2.54 -6.94
CA ASN F 87 19.95 -3.75 -7.45
C ASN F 87 21.45 -3.79 -7.16
N GLN F 88 21.82 -3.55 -5.91
CA GLN F 88 23.22 -3.52 -5.53
C GLN F 88 23.62 -4.79 -4.79
N SER F 89 24.86 -5.23 -4.99
CA SER F 89 25.35 -6.41 -4.27
C SER F 89 25.63 -6.07 -2.80
N GLU F 90 25.93 -7.10 -2.03
CA GLU F 90 26.23 -6.92 -0.62
C GLU F 90 27.73 -6.82 -0.36
N ALA F 91 28.51 -6.43 -1.38
CA ALA F 91 29.95 -6.29 -1.25
C ALA F 91 30.39 -4.89 -0.83
N GLY F 92 29.58 -3.87 -1.12
CA GLY F 92 29.99 -2.49 -0.92
C GLY F 92 29.30 -1.89 0.30
N SER F 93 30.03 -1.01 0.99
CA SER F 93 29.44 -0.22 2.06
C SER F 93 28.54 0.85 1.47
N HIS F 94 27.42 1.10 2.14
CA HIS F 94 26.49 2.14 1.74
C HIS F 94 26.08 2.96 2.95
N THR F 95 25.73 4.22 2.71
CA THR F 95 25.46 5.18 3.77
C THR F 95 24.04 5.73 3.64
N VAL F 96 23.28 5.64 4.71
CA VAL F 96 22.01 6.35 4.84
C VAL F 96 22.18 7.50 5.84
N GLN F 97 21.62 8.65 5.51
CA GLN F 97 21.57 9.79 6.42
C GLN F 97 20.14 10.30 6.58
N ARG F 98 19.78 10.62 7.82
CA ARG F 98 18.51 11.26 8.12
C ARG F 98 18.75 12.48 9.01
N MET F 99 18.14 13.60 8.64
CA MET F 99 18.11 14.82 9.44
C MET F 99 16.67 15.28 9.63
N TYR F 100 16.31 15.64 10.86
CA TYR F 100 15.03 16.28 11.10
C TYR F 100 15.09 17.20 12.31
N GLY F 101 14.11 18.11 12.38
CA GLY F 101 13.97 18.99 13.52
C GLY F 101 13.15 20.21 13.15
N CYS F 102 13.09 21.17 14.10
CA CYS F 102 12.23 22.34 13.97
C CYS F 102 12.98 23.64 14.24
N ASP F 103 12.43 24.72 13.69
CA ASP F 103 12.90 26.08 13.90
C ASP F 103 11.81 26.88 14.60
N VAL F 104 12.20 27.67 15.59
CA VAL F 104 11.30 28.62 16.22
C VAL F 104 11.83 30.03 16.05
N GLY F 105 10.93 30.99 16.15
CA GLY F 105 11.27 32.40 16.06
C GLY F 105 11.64 32.99 17.41
N SER F 106 11.76 34.32 17.42
CA SER F 106 12.12 35.04 18.64
C SER F 106 11.13 34.76 19.76
N ASP F 107 9.85 34.63 19.42
CA ASP F 107 8.80 34.33 20.39
C ASP F 107 8.75 32.86 20.78
N TRP F 108 9.65 32.03 20.25
CA TRP F 108 9.67 30.59 20.48
C TRP F 108 8.42 29.91 19.90
N ARG F 109 7.73 30.54 18.97
CA ARG F 109 6.65 29.87 18.26
C ARG F 109 7.23 29.10 17.07
N PHE F 110 6.49 28.10 16.62
CA PHE F 110 6.94 27.26 15.51
C PHE F 110 7.11 28.09 14.24
N LEU F 111 8.27 27.96 13.60
CA LEU F 111 8.53 28.62 12.34
C LEU F 111 8.47 27.64 11.17
N ARG F 112 9.26 26.57 11.23
CA ARG F 112 9.29 25.57 10.17
C ARG F 112 9.77 24.25 10.75
N GLY F 113 9.57 23.19 9.98
CA GLY F 113 10.02 21.86 10.36
C GLY F 113 10.62 21.18 9.15
N TYR F 114 11.43 20.17 9.43
CA TYR F 114 12.12 19.52 8.30
C TYR F 114 12.38 18.06 8.61
N HIS F 115 12.34 17.24 7.56
CA HIS F 115 12.72 15.84 7.70
C HIS F 115 13.26 15.39 6.35
N GLN F 116 14.54 14.99 6.34
CA GLN F 116 15.25 14.73 5.10
C GLN F 116 16.05 13.44 5.21
N TYR F 117 16.22 12.79 4.06
CA TYR F 117 16.80 11.46 3.96
C TYR F 117 17.70 11.39 2.73
N ALA F 118 18.92 10.92 2.93
CA ALA F 118 19.89 10.75 1.85
C ALA F 118 20.33 9.30 1.77
N TYR F 119 20.75 8.90 0.57
CA TYR F 119 21.36 7.59 0.32
C TYR F 119 22.64 7.82 -0.46
N ASP F 120 23.77 7.37 0.09
CA ASP F 120 25.05 7.48 -0.61
C ASP F 120 25.36 8.93 -1.02
N GLY F 121 24.97 9.90 -0.19
CA GLY F 121 25.36 11.28 -0.43
C GLY F 121 24.41 12.10 -1.29
N LYS F 122 23.30 11.54 -1.77
CA LYS F 122 22.33 12.30 -2.57
C LYS F 122 20.97 12.28 -1.89
N ASP F 123 20.23 13.37 -2.05
CA ASP F 123 18.82 13.40 -1.62
C ASP F 123 18.10 12.15 -2.08
N TYR F 124 17.38 11.53 -1.16
CA TYR F 124 16.51 10.41 -1.48
C TYR F 124 15.05 10.81 -1.37
N ILE F 125 14.59 11.23 -0.20
CA ILE F 125 13.23 11.76 -0.05
C ILE F 125 13.26 12.83 1.03
N ALA F 126 12.50 13.90 0.83
CA ALA F 126 12.43 15.01 1.78
C ALA F 126 10.99 15.45 1.96
N LEU F 127 10.64 15.77 3.19
CA LEU F 127 9.35 16.39 3.48
C LEU F 127 9.40 17.87 3.08
N LYS F 128 8.42 18.31 2.30
CA LYS F 128 8.43 19.70 1.90
C LYS F 128 7.91 20.60 3.01
N GLU F 129 8.13 21.90 2.82
CA GLU F 129 7.84 22.87 3.87
C GLU F 129 6.36 22.91 4.27
N ASP F 130 5.44 22.47 3.39
CA ASP F 130 4.04 22.41 3.77
C ASP F 130 3.75 21.32 4.79
N LEU F 131 4.69 20.40 5.01
CA LEU F 131 4.56 19.30 5.96
C LEU F 131 3.43 18.33 5.56
N ARG F 132 3.07 18.30 4.27
CA ARG F 132 2.12 17.34 3.71
C ARG F 132 2.67 16.52 2.56
N SER F 133 3.70 17.00 1.85
CA SER F 133 4.12 16.46 0.57
C SER F 133 5.58 16.01 0.62
N TRP F 134 5.95 15.18 -0.35
CA TRP F 134 7.28 14.60 -0.43
C TRP F 134 7.96 14.98 -1.74
N THR F 135 9.29 15.07 -1.68
CA THR F 135 10.16 15.22 -2.83
C THR F 135 10.92 13.90 -3.01
N ALA F 136 10.58 13.17 -4.06
CA ALA F 136 11.22 11.89 -4.34
C ALA F 136 12.16 12.06 -5.52
N ALA F 137 13.45 11.77 -5.26
CA ALA F 137 14.50 11.87 -6.27
C ALA F 137 14.15 11.12 -7.55
N ASP F 138 14.05 9.79 -7.44
CA ASP F 138 14.04 8.92 -8.61
C ASP F 138 12.96 7.87 -8.42
N MET F 139 13.09 6.78 -9.18
CA MET F 139 12.07 5.72 -9.15
C MET F 139 12.08 5.00 -7.81
N ALA F 140 13.26 4.79 -7.24
CA ALA F 140 13.33 4.12 -5.93
C ALA F 140 12.59 4.95 -4.88
N ALA F 141 12.90 6.25 -4.81
CA ALA F 141 12.28 7.11 -3.81
C ALA F 141 10.79 7.23 -4.02
N GLN F 142 10.31 6.98 -5.24
CA GLN F 142 8.87 6.95 -5.50
C GLN F 142 8.20 5.78 -4.79
N THR F 143 8.81 4.60 -4.83
CA THR F 143 8.36 3.48 -4.01
C THR F 143 8.29 3.86 -2.53
N THR F 144 9.33 4.55 -2.01
CA THR F 144 9.28 4.98 -0.62
C THR F 144 8.16 6.01 -0.40
N LYS F 145 7.98 6.90 -1.37
CA LYS F 145 6.95 7.94 -1.23
C LYS F 145 5.55 7.33 -1.16
N HIS F 146 5.30 6.30 -1.96
CA HIS F 146 3.98 5.65 -1.89
C HIS F 146 3.81 4.87 -0.58
N LYS F 147 4.87 4.22 -0.10
CA LYS F 147 4.76 3.55 1.19
C LYS F 147 4.51 4.56 2.31
N TRP F 148 5.20 5.72 2.25
CA TRP F 148 5.08 6.71 3.32
C TRP F 148 3.77 7.50 3.25
N GLU F 149 3.19 7.63 2.05
CA GLU F 149 1.86 8.22 1.97
C GLU F 149 0.81 7.31 2.60
N ALA F 150 0.85 6.02 2.24
CA ALA F 150 -0.09 5.05 2.82
C ALA F 150 -0.01 5.01 4.34
N ALA F 151 1.20 5.08 4.90
CA ALA F 151 1.37 5.00 6.34
C ALA F 151 1.17 6.34 7.04
N HIS F 152 0.91 7.42 6.28
CA HIS F 152 0.68 8.76 6.84
C HIS F 152 1.90 9.26 7.61
N VAL F 153 3.08 8.99 7.05
CA VAL F 153 4.33 9.42 7.69
C VAL F 153 4.37 10.95 7.78
N ALA F 154 3.87 11.64 6.75
CA ALA F 154 3.93 13.10 6.78
C ALA F 154 3.10 13.68 7.92
N GLU F 155 2.00 13.03 8.25
CA GLU F 155 1.15 13.50 9.34
C GLU F 155 1.77 13.19 10.69
N GLN F 156 2.35 12.01 10.83
CA GLN F 156 3.07 11.71 12.07
C GLN F 156 4.17 12.75 12.31
N LEU F 157 4.93 13.07 11.26
CA LEU F 157 6.04 14.02 11.39
C LEU F 157 5.52 15.42 11.67
N ARG F 158 4.40 15.80 11.05
CA ARG F 158 3.85 17.13 11.29
C ARG F 158 3.39 17.27 12.74
N ALA F 159 2.75 16.24 13.28
CA ALA F 159 2.39 16.26 14.69
C ALA F 159 3.62 16.46 15.56
N TYR F 160 4.70 15.73 15.26
CA TYR F 160 5.90 15.84 16.05
C TYR F 160 6.54 17.22 15.90
N LEU F 161 6.64 17.71 14.67
CA LEU F 161 7.37 18.96 14.40
C LEU F 161 6.69 20.17 15.05
N GLU F 162 5.37 20.23 15.02
CA GLU F 162 4.65 21.35 15.61
C GLU F 162 4.39 21.17 17.09
N GLY F 163 4.66 20.00 17.65
CA GLY F 163 4.40 19.80 19.06
C GLY F 163 5.64 19.43 19.84
N THR F 164 5.93 18.14 19.91
CA THR F 164 7.06 17.63 20.68
C THR F 164 8.35 18.39 20.38
N CYS F 165 8.67 18.54 19.10
CA CYS F 165 9.89 19.23 18.70
C CYS F 165 9.95 20.62 19.33
N VAL F 166 8.90 21.42 19.11
CA VAL F 166 8.85 22.77 19.66
C VAL F 166 8.75 22.73 21.19
N GLU F 167 7.98 21.79 21.72
CA GLU F 167 7.82 21.65 23.16
C GLU F 167 9.15 21.39 23.85
N TRP F 168 9.94 20.44 23.32
CA TRP F 168 11.19 20.13 23.98
C TRP F 168 12.33 21.06 23.57
N LEU F 169 12.24 21.70 22.41
CA LEU F 169 13.18 22.79 22.12
C LEU F 169 13.11 23.86 23.22
N ARG F 170 11.89 24.31 23.55
CA ARG F 170 11.70 25.32 24.58
C ARG F 170 12.20 24.83 25.93
N ARG F 171 11.98 23.55 26.24
CA ARG F 171 12.41 23.05 27.55
C ARG F 171 13.93 23.01 27.67
N TYR F 172 14.63 22.66 26.59
CA TYR F 172 16.10 22.68 26.61
C TYR F 172 16.62 24.12 26.69
N LEU F 173 15.98 25.04 25.98
CA LEU F 173 16.39 26.44 26.05
C LEU F 173 16.30 26.96 27.48
N GLU F 174 15.22 26.63 28.20
CA GLU F 174 15.10 27.03 29.60
C GLU F 174 16.15 26.33 30.45
N ASN F 175 16.22 24.99 30.36
CA ASN F 175 17.11 24.24 31.23
C ASN F 175 18.57 24.60 31.02
N GLY F 176 18.97 24.85 29.77
CA GLY F 176 20.33 25.23 29.47
C GLY F 176 20.50 26.72 29.18
N LYS F 177 19.72 27.54 29.89
CA LYS F 177 19.74 28.99 29.69
C LYS F 177 21.15 29.54 29.70
N GLU F 178 21.94 29.22 30.74
CA GLU F 178 23.28 29.80 30.90
C GLU F 178 24.13 29.63 29.65
N THR F 179 24.02 28.49 29.00
CA THR F 179 24.82 28.15 27.83
C THR F 179 24.08 28.39 26.52
N LEU F 180 22.83 27.93 26.41
CA LEU F 180 22.13 28.00 25.14
C LEU F 180 21.66 29.41 24.79
N GLN F 181 21.28 30.23 25.78
CA GLN F 181 20.77 31.56 25.53
C GLN F 181 21.84 32.63 25.70
N ARG F 182 23.10 32.22 25.82
CA ARG F 182 24.23 33.10 25.88
C ARG F 182 24.61 33.58 24.48
N THR F 183 25.28 34.72 24.42
CA THR F 183 26.08 35.10 23.28
C THR F 183 27.49 35.45 23.78
N ASP F 184 28.50 34.92 23.10
CA ASP F 184 29.89 35.27 23.34
C ASP F 184 30.37 36.11 22.16
N ALA F 185 30.79 37.33 22.43
CA ALA F 185 31.21 38.15 21.31
C ALA F 185 32.60 37.73 20.84
N PRO F 186 32.92 37.97 19.58
CA PRO F 186 34.25 37.63 19.07
C PRO F 186 35.35 38.47 19.72
N LYS F 187 36.43 37.81 20.11
CA LYS F 187 37.68 38.48 20.43
C LYS F 187 38.48 38.64 19.14
N THR F 188 38.75 39.87 18.75
CA THR F 188 39.28 40.13 17.41
C THR F 188 40.74 40.57 17.46
N HIS F 189 41.42 40.37 16.33
CA HIS F 189 42.78 40.86 16.12
C HIS F 189 43.17 40.62 14.67
N MET F 190 44.21 41.35 14.23
CA MET F 190 44.73 41.28 12.87
C MET F 190 46.19 40.80 12.86
N THR F 191 46.56 40.05 11.83
CA THR F 191 47.97 39.71 11.64
C THR F 191 48.45 40.22 10.27
N HIS F 192 49.76 40.14 10.07
CA HIS F 192 50.42 40.70 8.89
C HIS F 192 51.50 39.74 8.44
N HIS F 193 51.42 39.29 7.19
CA HIS F 193 52.38 38.36 6.58
C HIS F 193 52.87 38.99 5.28
N ALA F 194 54.16 39.27 5.21
CA ALA F 194 54.74 39.71 3.95
C ALA F 194 54.90 38.49 3.06
N VAL F 195 54.30 38.53 1.87
CA VAL F 195 54.45 37.46 0.89
C VAL F 195 55.64 37.77 -0.02
N SER F 196 55.51 38.75 -0.93
CA SER F 196 56.63 39.23 -1.72
C SER F 196 57.12 40.57 -1.16
N ASP F 197 58.09 41.19 -1.84
CA ASP F 197 58.53 42.52 -1.43
C ASP F 197 57.48 43.58 -1.74
N HIS F 198 56.54 43.28 -2.65
CA HIS F 198 55.53 44.23 -3.08
C HIS F 198 54.11 43.84 -2.65
N GLU F 199 53.95 42.77 -1.85
CA GLU F 199 52.62 42.33 -1.42
C GLU F 199 52.67 41.89 0.04
N ALA F 200 51.55 42.10 0.74
CA ALA F 200 51.40 41.67 2.13
C ALA F 200 50.02 41.03 2.32
N THR F 201 49.88 40.23 3.37
CA THR F 201 48.64 39.53 3.69
C THR F 201 48.12 39.99 5.04
N LEU F 202 46.95 40.63 5.04
CA LEU F 202 46.25 40.99 6.26
C LEU F 202 45.21 39.92 6.55
N ARG F 203 45.19 39.42 7.79
CA ARG F 203 44.26 38.40 8.21
C ARG F 203 43.47 38.87 9.43
N CYS F 204 42.15 38.81 9.31
CA CYS F 204 41.23 39.30 10.33
C CYS F 204 40.68 38.12 11.12
N TRP F 205 40.96 38.07 12.41
CA TRP F 205 40.63 36.94 13.27
C TRP F 205 39.43 37.23 14.15
N ALA F 206 38.50 36.27 14.21
CA ALA F 206 37.43 36.26 15.21
C ALA F 206 37.53 34.96 15.99
N LEU F 207 37.66 35.06 17.32
CA LEU F 207 37.87 33.89 18.16
C LEU F 207 36.87 33.89 19.32
N SER F 208 36.54 32.68 19.77
CA SER F 208 35.80 32.44 21.03
C SER F 208 34.40 33.05 21.02
N PHE F 209 33.72 33.03 19.88
CA PHE F 209 32.37 33.56 19.81
C PHE F 209 31.34 32.44 19.77
N TYR F 210 30.10 32.79 20.14
CA TYR F 210 28.95 31.90 20.13
C TYR F 210 27.71 32.75 19.99
N PRO F 211 26.73 32.37 19.16
CA PRO F 211 26.73 31.22 18.24
C PRO F 211 27.71 31.37 17.07
N ALA F 212 27.71 30.39 16.16
CA ALA F 212 28.66 30.37 15.06
C ALA F 212 28.34 31.39 13.97
N GLU F 213 27.14 31.94 13.94
CA GLU F 213 26.83 32.88 12.88
C GLU F 213 27.67 34.15 13.04
N ILE F 214 28.37 34.54 11.97
CA ILE F 214 29.26 35.70 11.99
C ILE F 214 29.48 36.15 10.55
N THR F 215 29.84 37.43 10.38
CA THR F 215 30.20 37.98 9.08
C THR F 215 31.51 38.75 9.22
N LEU F 216 32.50 38.40 8.39
CA LEU F 216 33.77 39.10 8.29
C LEU F 216 33.91 39.61 6.86
N THR F 217 34.23 40.90 6.71
CA THR F 217 34.31 41.49 5.38
C THR F 217 35.46 42.49 5.31
N TRP F 218 36.26 42.37 4.28
CA TRP F 218 37.33 43.33 3.99
C TRP F 218 36.82 44.42 3.06
N GLN F 219 37.21 45.66 3.34
CA GLN F 219 36.95 46.78 2.44
C GLN F 219 38.24 47.52 2.15
N ARG F 220 38.38 47.96 0.91
CA ARG F 220 39.49 48.82 0.49
C ARG F 220 38.88 50.17 0.16
N ASP F 221 39.25 51.20 0.94
CA ASP F 221 38.64 52.52 0.87
C ASP F 221 37.12 52.44 1.01
N GLY F 222 36.67 51.69 2.02
CA GLY F 222 35.25 51.59 2.31
C GLY F 222 34.42 50.79 1.32
N GLU F 223 35.04 50.15 0.33
CA GLU F 223 34.35 49.36 -0.67
C GLU F 223 34.64 47.88 -0.42
N ASP F 224 33.58 47.07 -0.33
CA ASP F 224 33.74 45.66 0.03
C ASP F 224 34.55 44.92 -1.03
N GLN F 225 35.21 43.85 -0.61
CA GLN F 225 36.20 43.16 -1.43
C GLN F 225 35.81 41.71 -1.64
N THR F 226 34.52 41.43 -1.82
CA THR F 226 34.06 40.06 -2.03
C THR F 226 34.54 39.52 -3.38
N GLN F 227 35.76 39.86 -3.75
CA GLN F 227 36.42 39.48 -4.99
C GLN F 227 37.82 38.94 -4.77
N ASP F 228 38.61 39.59 -3.91
CA ASP F 228 40.02 39.29 -3.75
C ASP F 228 40.37 39.01 -2.28
N THR F 229 39.41 38.45 -1.53
CA THR F 229 39.66 38.05 -0.15
C THR F 229 39.36 36.57 0.03
N GLU F 230 40.28 35.88 0.69
CA GLU F 230 40.04 34.50 1.08
C GLU F 230 39.32 34.46 2.41
N LEU F 231 38.57 33.39 2.62
CA LEU F 231 37.71 33.25 3.78
C LEU F 231 37.64 31.78 4.13
N VAL F 232 37.81 31.43 5.40
CA VAL F 232 37.80 30.03 5.77
C VAL F 232 36.48 29.70 6.42
N GLU F 233 36.12 28.42 6.32
CA GLU F 233 34.92 27.91 6.96
C GLU F 233 34.99 28.09 8.47
N THR F 234 33.91 28.58 9.06
CA THR F 234 33.84 28.70 10.51
C THR F 234 34.10 27.34 11.15
N ARG F 235 34.88 27.33 12.23
CA ARG F 235 35.44 26.11 12.79
C ARG F 235 35.28 26.09 14.29
N PRO F 236 35.10 24.92 14.88
CA PRO F 236 34.97 24.82 16.33
C PRO F 236 36.31 24.87 17.05
N ALA F 237 36.32 25.56 18.18
CA ALA F 237 37.51 25.60 19.03
C ALA F 237 37.64 24.35 19.91
N GLY F 238 36.54 23.65 20.14
CA GLY F 238 36.52 22.50 21.02
C GLY F 238 36.01 22.79 22.41
N ASP F 239 35.68 24.04 22.72
CA ASP F 239 35.26 24.45 24.05
C ASP F 239 33.87 25.06 24.05
N GLY F 240 33.09 24.84 22.98
CA GLY F 240 31.80 25.47 22.80
C GLY F 240 31.79 26.75 21.97
N THR F 241 32.95 27.29 21.61
CA THR F 241 32.96 28.50 20.80
C THR F 241 33.45 28.18 19.40
N PHE F 242 33.55 29.21 18.56
CA PHE F 242 33.89 29.08 17.16
C PHE F 242 34.94 30.10 16.79
N GLN F 243 35.64 29.83 15.67
CA GLN F 243 36.72 30.67 15.16
C GLN F 243 36.55 30.86 13.67
N LYS F 244 37.04 31.99 13.15
CA LYS F 244 37.01 32.24 11.71
C LYS F 244 37.97 33.37 11.37
N TRP F 245 38.48 33.37 10.15
CA TRP F 245 39.28 34.50 9.71
C TRP F 245 39.06 34.81 8.23
N ALA F 246 39.42 36.02 7.85
CA ALA F 246 39.34 36.52 6.49
C ALA F 246 40.65 37.20 6.14
N ALA F 247 41.19 36.89 4.98
CA ALA F 247 42.50 37.39 4.61
C ALA F 247 42.43 38.00 3.22
N VAL F 248 43.06 39.16 3.09
CA VAL F 248 43.17 39.84 1.80
C VAL F 248 44.64 40.11 1.55
N VAL F 249 45.06 39.98 0.30
CA VAL F 249 46.43 40.27 -0.11
C VAL F 249 46.46 41.67 -0.68
N VAL F 250 47.33 42.51 -0.12
CA VAL F 250 47.32 43.94 -0.41
C VAL F 250 48.68 44.37 -0.95
N PRO F 251 48.74 45.44 -1.74
CA PRO F 251 50.05 45.97 -2.14
C PRO F 251 50.75 46.53 -0.93
N SER F 252 51.96 46.04 -0.66
CA SER F 252 52.67 46.45 0.54
C SER F 252 52.87 47.96 0.54
N GLY F 253 52.73 48.57 1.72
CA GLY F 253 52.74 50.01 1.85
C GLY F 253 51.37 50.64 1.85
N GLN F 254 50.33 49.92 1.43
CA GLN F 254 48.97 50.45 1.34
C GLN F 254 48.04 49.88 2.39
N GLU F 255 48.58 49.37 3.51
CA GLU F 255 47.77 48.62 4.46
C GLU F 255 46.68 49.46 5.09
N GLN F 256 46.95 50.75 5.33
CA GLN F 256 46.00 51.62 6.01
C GLN F 256 44.71 51.84 5.20
N ARG F 257 44.69 51.45 3.94
CA ARG F 257 43.51 51.61 3.10
C ARG F 257 42.55 50.45 3.22
N TYR F 258 42.84 49.48 4.09
CA TYR F 258 42.01 48.30 4.26
C TYR F 258 41.40 48.28 5.65
N THR F 259 40.13 47.93 5.72
CA THR F 259 39.43 47.79 6.99
C THR F 259 38.66 46.48 6.98
N CYS F 260 38.71 45.79 8.10
CA CYS F 260 37.93 44.57 8.29
C CYS F 260 36.71 44.90 9.14
N HIS F 261 35.60 44.25 8.86
CA HIS F 261 34.34 44.53 9.53
C HIS F 261 33.76 43.23 10.05
N VAL F 262 33.46 43.22 11.34
CA VAL F 262 33.01 42.03 12.05
C VAL F 262 31.59 42.29 12.52
N GLN F 263 30.69 41.38 12.15
CA GLN F 263 29.27 41.45 12.51
C GLN F 263 28.88 40.16 13.23
N HIS F 264 28.41 40.28 14.46
CA HIS F 264 28.04 39.15 15.29
C HIS F 264 27.00 39.62 16.31
N GLU F 265 26.14 38.71 16.74
CA GLU F 265 24.98 39.12 17.53
C GLU F 265 25.35 39.59 18.93
N GLY F 266 26.49 39.15 19.47
CA GLY F 266 27.01 39.65 20.72
C GLY F 266 27.78 40.96 20.63
N LEU F 267 27.75 41.60 19.46
CA LEU F 267 28.41 42.89 19.26
C LEU F 267 27.34 43.95 19.11
N PRO F 268 27.28 44.94 20.03
CA PRO F 268 26.18 45.93 19.95
C PRO F 268 26.20 46.71 18.66
N LYS F 269 27.37 47.26 18.28
CA LYS F 269 27.69 47.81 16.98
C LYS F 269 28.76 46.94 16.31
N PRO F 270 28.78 46.85 14.98
CA PRO F 270 29.81 46.04 14.32
C PRO F 270 31.20 46.65 14.53
N LEU F 271 32.19 45.78 14.60
CA LEU F 271 33.57 46.21 14.79
C LEU F 271 34.21 46.58 13.46
N THR F 272 35.24 47.42 13.54
CA THR F 272 36.02 47.82 12.38
C THR F 272 37.49 47.84 12.78
N LEU F 273 38.32 47.09 12.06
CA LEU F 273 39.71 46.91 12.43
C LEU F 273 40.64 47.42 11.33
N ARG F 274 41.66 48.16 11.72
CA ARG F 274 42.72 48.62 10.84
C ARG F 274 44.02 48.00 11.31
N TRP F 275 44.96 47.84 10.37
CA TRP F 275 46.27 47.27 10.71
C TRP F 275 47.02 48.22 11.63
N GLU F 276 47.26 47.78 12.86
CA GLU F 276 48.04 48.48 13.86
C GLU F 276 47.50 49.88 14.14
N ILE G 2 27.80 12.28 -4.90
CA ILE G 2 28.14 11.01 -4.28
C ILE G 2 29.30 11.22 -3.28
N GLN G 3 30.52 11.42 -3.78
CA GLN G 3 31.71 11.53 -2.93
C GLN G 3 32.30 12.94 -2.96
N ARG G 4 32.77 13.39 -1.80
CA ARG G 4 33.33 14.74 -1.63
C ARG G 4 34.65 14.66 -0.89
N THR G 5 35.53 15.62 -1.19
CA THR G 5 36.90 15.59 -0.67
C THR G 5 37.07 16.50 0.55
N PRO G 6 37.83 16.06 1.55
CA PRO G 6 37.88 16.80 2.82
C PRO G 6 38.59 18.13 2.71
N LYS G 7 38.04 19.13 3.40
CA LYS G 7 38.78 20.34 3.73
C LYS G 7 39.41 20.14 5.10
N ILE G 8 40.61 20.67 5.28
CA ILE G 8 41.37 20.46 6.50
C ILE G 8 41.81 21.80 7.06
N GLN G 9 41.58 21.99 8.36
CA GLN G 9 42.10 23.12 9.13
C GLN G 9 42.80 22.56 10.35
N VAL G 10 44.07 22.97 10.53
CA VAL G 10 44.87 22.64 11.71
C VAL G 10 45.08 23.93 12.49
N TYR G 11 44.86 23.87 13.80
CA TYR G 11 44.88 25.08 14.62
C TYR G 11 44.74 24.70 16.08
N SER G 12 45.05 25.66 16.95
CA SER G 12 44.92 25.51 18.39
C SER G 12 43.61 26.10 18.88
N ARG G 13 43.09 25.54 19.99
CA ARG G 13 41.88 26.07 20.59
C ARG G 13 42.07 27.50 21.08
N HIS G 14 43.11 27.73 21.86
CA HIS G 14 43.45 29.05 22.37
C HIS G 14 44.73 29.54 21.71
N PRO G 15 44.96 30.86 21.69
CA PRO G 15 46.17 31.39 21.04
C PRO G 15 47.44 30.80 21.64
N ALA G 16 48.34 30.36 20.75
CA ALA G 16 49.47 29.54 21.16
C ALA G 16 50.47 30.34 21.99
N GLU G 17 50.89 29.77 23.13
CA GLU G 17 51.88 30.38 24.01
C GLU G 17 52.86 29.30 24.47
N ASN G 18 54.14 29.48 24.16
CA ASN G 18 55.14 28.47 24.47
C ASN G 18 55.17 28.20 25.97
N GLY G 19 55.01 26.94 26.36
CA GLY G 19 54.94 26.55 27.74
C GLY G 19 53.54 26.40 28.32
N LYS G 20 52.53 27.06 27.74
CA LYS G 20 51.16 27.01 28.26
C LYS G 20 50.31 25.97 27.54
N SER G 21 49.65 25.11 28.32
CA SER G 21 48.83 24.03 27.77
C SER G 21 47.75 24.58 26.84
N ASN G 22 47.30 23.71 25.94
CA ASN G 22 46.43 24.13 24.84
C ASN G 22 45.83 22.86 24.22
N PHE G 23 45.11 23.02 23.12
CA PHE G 23 44.56 21.90 22.38
C PHE G 23 44.91 22.05 20.92
N LEU G 24 45.47 21.01 20.34
CA LEU G 24 45.74 20.97 18.91
C LEU G 24 44.54 20.35 18.22
N ASN G 25 43.95 21.09 17.29
CA ASN G 25 42.75 20.67 16.57
C ASN G 25 43.06 20.39 15.10
N CYS G 26 42.52 19.29 14.59
CA CYS G 26 42.34 19.09 13.15
C CYS G 26 40.84 19.00 12.85
N TYR G 27 40.34 19.97 12.10
CA TYR G 27 38.94 20.00 11.65
C TYR G 27 38.88 19.49 10.22
N VAL G 28 38.21 18.35 10.00
CA VAL G 28 37.98 17.82 8.65
C VAL G 28 36.49 17.92 8.35
N SER G 29 36.17 18.45 7.18
CA SER G 29 34.78 18.71 6.90
C SER G 29 34.57 18.64 5.41
N GLY G 30 33.29 18.62 5.01
CA GLY G 30 32.95 18.61 3.61
C GLY G 30 33.25 17.32 2.90
N PHE G 31 33.33 16.18 3.59
CA PHE G 31 33.72 14.92 2.96
C PHE G 31 32.59 13.90 2.97
N HIS G 32 32.73 12.92 2.07
CA HIS G 32 31.77 11.84 1.86
C HIS G 32 32.47 10.75 1.04
N PRO G 33 32.40 9.49 1.46
CA PRO G 33 31.64 8.97 2.60
C PRO G 33 32.35 9.20 3.94
N SER G 34 31.78 8.67 5.02
CA SER G 34 32.22 9.03 6.36
C SER G 34 33.52 8.35 6.77
N ASP G 35 33.91 7.27 6.10
CA ASP G 35 35.15 6.60 6.46
C ASP G 35 36.34 7.51 6.14
N ILE G 36 37.11 7.88 7.16
CA ILE G 36 38.22 8.81 7.00
C ILE G 36 39.35 8.41 7.95
N GLU G 37 40.56 8.83 7.58
CA GLU G 37 41.77 8.56 8.36
C GLU G 37 42.42 9.90 8.70
N VAL G 38 42.50 10.22 9.98
CA VAL G 38 43.08 11.48 10.43
C VAL G 38 44.09 11.19 11.53
N ASP G 39 45.26 11.80 11.43
CA ASP G 39 46.31 11.62 12.41
C ASP G 39 46.94 12.97 12.75
N LEU G 40 47.16 13.20 14.03
CA LEU G 40 47.90 14.38 14.49
C LEU G 40 49.37 14.02 14.64
N LEU G 41 50.25 14.80 14.02
CA LEU G 41 51.68 14.50 14.03
C LEU G 41 52.43 15.51 14.89
N LYS G 42 53.38 14.99 15.69
CA LYS G 42 54.35 15.82 16.40
C LYS G 42 55.75 15.50 15.88
N ASN G 43 56.37 16.46 15.19
CA ASN G 43 57.65 16.23 14.52
C ASN G 43 57.58 14.97 13.66
N GLY G 44 56.57 14.92 12.79
CA GLY G 44 56.34 13.79 11.90
C GLY G 44 55.87 12.51 12.57
N GLU G 45 55.85 12.42 13.90
CA GLU G 45 55.48 11.22 14.61
C GLU G 45 54.03 11.33 15.09
N ARG G 46 53.27 10.24 14.97
CA ARG G 46 51.84 10.35 15.17
C ARG G 46 51.47 10.26 16.65
N ILE G 47 50.72 11.25 17.12
CA ILE G 47 50.24 11.29 18.50
C ILE G 47 49.18 10.22 18.69
N GLU G 48 49.20 9.58 19.86
CA GLU G 48 48.19 8.57 20.19
C GLU G 48 47.15 9.13 21.16
N LYS G 49 46.13 8.31 21.43
CA LYS G 49 45.04 8.72 22.32
C LYS G 49 44.39 10.02 21.85
N VAL G 50 44.49 10.30 20.55
CA VAL G 50 43.82 11.45 19.96
C VAL G 50 42.32 11.16 19.88
N GLU G 51 41.53 12.16 20.23
CA GLU G 51 40.09 12.00 20.29
C GLU G 51 39.43 12.70 19.11
N HIS G 52 38.15 12.39 18.91
CA HIS G 52 37.39 13.10 17.90
C HIS G 52 35.94 13.26 18.33
N SER G 53 35.31 14.30 17.81
CA SER G 53 33.91 14.60 18.06
C SER G 53 32.99 13.53 17.44
N ASP G 54 31.72 13.60 17.79
CA ASP G 54 30.74 12.66 17.25
C ASP G 54 30.44 13.01 15.80
N LEU G 55 30.41 11.98 14.94
CA LEU G 55 30.09 12.16 13.54
C LEU G 55 28.78 12.92 13.33
N SER G 56 28.85 14.01 12.59
CA SER G 56 27.69 14.81 12.24
C SER G 56 27.85 15.25 10.79
N PHE G 57 26.88 15.98 10.26
CA PHE G 57 26.98 16.35 8.86
C PHE G 57 26.17 17.61 8.60
N SER G 58 26.46 18.22 7.46
CA SER G 58 25.89 19.51 7.06
C SER G 58 24.67 19.29 6.17
N LYS G 59 24.07 20.40 5.71
CA LYS G 59 22.81 20.28 4.98
C LYS G 59 23.04 19.64 3.61
N ASP G 60 24.24 19.78 3.05
CA ASP G 60 24.55 19.14 1.79
C ASP G 60 24.93 17.67 1.95
N TRP G 61 24.81 17.15 3.19
CA TRP G 61 25.07 15.73 3.56
C TRP G 61 26.55 15.42 3.84
N SER G 62 27.46 16.39 3.70
CA SER G 62 28.86 16.05 3.92
C SER G 62 29.19 16.06 5.42
N PHE G 63 30.11 15.18 5.81
CA PHE G 63 30.45 14.96 7.20
C PHE G 63 31.53 15.95 7.68
N TYR G 64 31.54 16.16 8.99
CA TYR G 64 32.61 16.94 9.62
C TYR G 64 32.99 16.26 10.93
N LEU G 65 34.26 16.38 11.28
CA LEU G 65 34.84 15.82 12.48
C LEU G 65 35.92 16.77 12.99
N LEU G 66 36.00 16.91 14.31
CA LEU G 66 37.10 17.59 14.97
C LEU G 66 37.94 16.54 15.68
N TYR G 67 39.19 16.42 15.26
CA TYR G 67 40.17 15.64 16.00
C TYR G 67 40.99 16.59 16.85
N TYR G 68 41.33 16.15 18.06
CA TYR G 68 41.93 17.07 19.01
C TYR G 68 42.68 16.29 20.09
N THR G 69 43.72 16.94 20.61
CA THR G 69 44.56 16.38 21.66
C THR G 69 45.12 17.53 22.50
N GLU G 70 45.37 17.26 23.78
CA GLU G 70 46.06 18.24 24.61
C GLU G 70 47.52 18.30 24.21
N PHE G 71 48.09 19.50 24.25
CA PHE G 71 49.49 19.65 23.90
C PHE G 71 50.01 20.96 24.48
N THR G 72 51.33 21.05 24.62
CA THR G 72 51.99 22.29 25.04
C THR G 72 52.96 22.78 23.97
N PRO G 73 52.61 23.83 23.24
CA PRO G 73 53.50 24.28 22.16
C PRO G 73 54.84 24.73 22.70
N THR G 74 55.88 24.50 21.90
CA THR G 74 57.23 24.97 22.16
C THR G 74 57.72 25.72 20.93
N GLU G 75 58.89 26.33 21.03
CA GLU G 75 59.45 26.99 19.86
C GLU G 75 59.92 25.98 18.81
N LYS G 76 60.35 24.79 19.25
CA LYS G 76 61.00 23.86 18.34
C LYS G 76 60.09 22.75 17.83
N ASP G 77 59.07 22.35 18.58
CA ASP G 77 58.23 21.23 18.16
C ASP G 77 57.32 21.63 17.00
N GLU G 78 57.15 20.70 16.07
CA GLU G 78 56.36 20.92 14.87
C GLU G 78 55.14 20.01 14.88
N TYR G 79 53.98 20.54 14.52
CA TYR G 79 52.76 19.75 14.54
C TYR G 79 52.09 19.83 13.17
N ALA G 80 51.41 18.76 12.82
CA ALA G 80 50.67 18.70 11.56
C ALA G 80 49.51 17.72 11.67
N CYS G 81 48.57 17.86 10.74
CA CYS G 81 47.48 16.92 10.54
C CYS G 81 47.73 16.14 9.25
N ARG G 82 47.59 14.82 9.30
CA ARG G 82 47.66 13.97 8.12
C ARG G 82 46.32 13.30 7.90
N VAL G 83 45.77 13.44 6.67
CA VAL G 83 44.43 13.00 6.34
C VAL G 83 44.47 12.11 5.09
N ASN G 84 43.85 10.93 5.17
CA ASN G 84 43.61 10.13 3.99
C ASN G 84 42.14 9.75 3.89
N HIS G 85 41.70 9.59 2.65
CA HIS G 85 40.29 9.44 2.30
C HIS G 85 40.22 8.89 0.88
N VAL G 86 39.12 8.18 0.58
CA VAL G 86 39.05 7.51 -0.71
C VAL G 86 39.19 8.50 -1.86
N THR G 87 38.74 9.75 -1.68
CA THR G 87 38.78 10.75 -2.73
C THR G 87 40.16 11.36 -2.93
N LEU G 88 41.13 11.06 -2.05
CA LEU G 88 42.49 11.58 -2.13
C LEU G 88 43.41 10.54 -2.74
N SER G 89 44.21 10.96 -3.72
CA SER G 89 45.18 10.07 -4.33
C SER G 89 46.31 9.72 -3.39
N GLN G 90 46.47 10.46 -2.31
CA GLN G 90 47.61 10.38 -1.41
C GLN G 90 47.20 11.02 -0.09
N PRO G 91 47.77 10.60 1.05
CA PRO G 91 47.50 11.32 2.29
C PRO G 91 47.93 12.78 2.17
N LYS G 92 47.09 13.68 2.67
CA LYS G 92 47.39 15.10 2.67
C LYS G 92 47.87 15.54 4.04
N ILE G 93 49.04 16.18 4.10
CA ILE G 93 49.61 16.68 5.34
C ILE G 93 49.51 18.19 5.35
N VAL G 94 48.97 18.73 6.45
CA VAL G 94 48.77 20.16 6.64
C VAL G 94 49.48 20.54 7.94
N LYS G 95 50.45 21.45 7.84
CA LYS G 95 51.25 21.82 9.01
C LYS G 95 50.50 22.83 9.86
N TRP G 96 50.61 22.67 11.18
CA TRP G 96 50.08 23.68 12.08
C TRP G 96 50.95 24.93 11.98
N ASP G 97 50.30 26.08 11.78
CA ASP G 97 50.96 27.37 11.74
C ASP G 97 50.13 28.37 12.52
N ARG G 98 50.71 28.96 13.56
CA ARG G 98 50.07 30.05 14.30
C ARG G 98 49.98 31.28 13.40
N ASP G 99 48.90 31.35 12.60
CA ASP G 99 48.80 32.37 11.53
C ASP G 99 48.79 33.77 12.13
N SER H 1 13.98 15.69 22.21
CA SER H 1 13.23 14.45 22.27
C SER H 1 13.07 13.85 20.87
N LEU H 2 13.45 12.59 20.72
CA LEU H 2 13.37 11.90 19.44
C LEU H 2 11.92 11.62 19.03
N LEU H 3 11.76 11.36 17.73
CA LEU H 3 10.47 10.87 17.23
C LEU H 3 10.18 9.54 17.92
N MET H 4 8.92 9.25 18.16
CA MET H 4 8.52 7.99 18.78
C MET H 4 8.91 6.80 17.90
N TRP H 5 8.79 6.93 16.57
CA TRP H 5 9.24 5.88 15.68
C TRP H 5 9.40 6.42 14.27
N ILE H 6 10.19 5.70 13.47
CA ILE H 6 10.40 6.06 12.07
C ILE H 6 9.85 4.91 11.23
N THR H 7 9.69 5.17 9.93
CA THR H 7 9.00 4.24 9.04
C THR H 7 9.98 3.74 7.98
N GLN H 8 9.97 2.43 7.75
CA GLN H 8 10.85 1.81 6.77
C GLN H 8 10.67 2.46 5.41
N VAL H 9 11.80 2.72 4.72
CA VAL H 9 11.76 3.21 3.35
C VAL H 9 11.30 2.11 2.41
#